data_7SS5
#
_entry.id   7SS5
#
_cell.length_a   1.00
_cell.length_b   1.00
_cell.length_c   1.00
_cell.angle_alpha   90.00
_cell.angle_beta   90.00
_cell.angle_gamma   90.00
#
_symmetry.space_group_name_H-M   'P 1'
#
loop_
_entity.id
_entity.type
_entity.pdbx_description
1 polymer 'SgraIR restriction enzyme'
2 polymer "DNA (5'-D(P*GP*GP*TP*CP*TP*TP*CP*AP*CP*AP*CP*CP*GP*GP*TP*GP*TP*GP*AP*AP*GP*AP*CP*C)-3')"
3 non-polymer 'CALCIUM ION'
4 water water
#
loop_
_entity_poly.entity_id
_entity_poly.type
_entity_poly.pdbx_seq_one_letter_code
_entity_poly.pdbx_strand_id
1 'polypeptide(L)'
;MPFTYSIEATRNLATTERCIQDIRNAPVRNRSTQFQLAQQNMLAYTFGEVIPGFASAGINGMDYRDVIGRPVENAVTEGT
HFFRDDFRVDSNAKAKVAGDIFEIVSSAVMWNCAARWNSLMVGEGWRSQPRYSRPTLSPSPRRQVAVLNLPRSFDWVSLL
VPESQEVIEEFRAGLRKDGLGLPTSTPDLAVVVLPEEFQNDEMWREEIAGLTRPNQILLSGAYQRLQGRVQPGEISLAVA
FKRSLRSDRLYQPLYEANVMQLLLEGKLGAPKVEFEVHTLAPEGTNAFVTYEAASLYGLAEGRSAVHRAIRELYVPPTAA
DLARRFFAFLNERMELVNGENLYFQSHHHHHH
;
A,B
2 'polydeoxyribonucleotide'
;(DG)(DA)(DT)(DG)(DC)(DG)(DT)(DG)(DG)(DG)(DT)(DC)(DT)(DT)(DC)(DA)(DC)(DA)(DC)(DC)
(DG)(DG)(DT)(DG)(DT)(DG)(DA)(DA)(DG)(DA)(DC)(DC)(DC)(DA)(DC)(DG)(DC)(DA)(DT)(DC)
;
C,D
#
loop_
_chem_comp.id
_chem_comp.type
_chem_comp.name
_chem_comp.formula
CA non-polymer 'CALCIUM ION' 'Ca 2'
DA DNA linking 2'-DEOXYADENOSINE-5'-MONOPHOSPHATE 'C10 H14 N5 O6 P'
DC DNA linking 2'-DEOXYCYTIDINE-5'-MONOPHOSPHATE 'C9 H14 N3 O7 P'
DG DNA linking 2'-DEOXYGUANOSINE-5'-MONOPHOSPHATE 'C10 H14 N5 O7 P'
DT DNA linking THYMIDINE-5'-MONOPHOSPHATE 'C10 H15 N2 O8 P'
#
# COMPACT_ATOMS: atom_id res chain seq x y z
N PRO A 2 31.31 -16.04 -3.64
CA PRO A 2 30.98 -15.95 -5.07
C PRO A 2 29.52 -16.32 -5.34
N PHE A 3 29.22 -16.60 -6.62
CA PHE A 3 27.86 -16.93 -7.01
C PHE A 3 27.44 -18.33 -6.56
N THR A 4 28.39 -19.21 -6.27
CA THR A 4 28.08 -20.60 -5.97
C THR A 4 28.51 -21.01 -4.56
N TYR A 5 28.79 -20.06 -3.68
CA TYR A 5 29.14 -20.35 -2.28
C TYR A 5 30.36 -21.26 -2.16
N SER A 6 31.54 -20.73 -2.48
CA SER A 6 32.77 -21.44 -2.15
C SER A 6 32.98 -21.45 -0.64
N ILE A 7 33.38 -22.61 -0.10
CA ILE A 7 33.65 -22.73 1.32
C ILE A 7 34.92 -21.97 1.68
N GLU A 8 35.96 -22.09 0.85
CA GLU A 8 37.22 -21.40 1.11
C GLU A 8 37.03 -19.89 1.11
N ALA A 9 36.22 -19.38 0.18
CA ALA A 9 35.94 -17.95 0.13
C ALA A 9 35.25 -17.47 1.41
N THR A 10 34.31 -18.26 1.92
CA THR A 10 33.65 -17.92 3.18
C THR A 10 34.64 -17.94 4.34
N ARG A 11 35.54 -18.92 4.35
CA ARG A 11 36.53 -18.98 5.43
C ARG A 11 37.49 -17.80 5.38
N ASN A 12 37.85 -17.33 4.18
CA ASN A 12 38.78 -16.22 4.05
C ASN A 12 38.13 -14.86 4.33
N LEU A 13 36.81 -14.82 4.50
CA LEU A 13 36.15 -13.56 4.79
C LEU A 13 36.47 -13.07 6.21
N ALA A 14 36.47 -11.76 6.38
CA ALA A 14 36.61 -11.17 7.69
C ALA A 14 35.30 -11.30 8.47
N THR A 15 35.39 -11.07 9.79
CA THR A 15 34.20 -11.18 10.63
C THR A 15 33.16 -10.13 10.29
N THR A 16 33.58 -8.92 9.96
CA THR A 16 32.66 -7.83 9.62
C THR A 16 32.19 -7.88 8.18
N GLU A 17 32.70 -8.80 7.36
CA GLU A 17 32.30 -8.94 5.98
C GLU A 17 31.40 -10.15 5.75
N ARG A 18 30.97 -10.82 6.80
CA ARG A 18 30.16 -12.01 6.66
C ARG A 18 28.70 -11.67 6.39
N CYS A 19 28.03 -12.54 5.65
CA CYS A 19 26.66 -12.27 5.21
C CYS A 19 25.67 -12.17 6.37
N ILE A 20 25.97 -12.77 7.51
CA ILE A 20 25.07 -12.76 8.66
C ILE A 20 25.81 -12.22 9.86
N GLN A 21 25.20 -11.25 10.54
CA GLN A 21 25.76 -10.64 11.75
C GLN A 21 25.01 -11.16 12.96
N ASP A 22 25.77 -11.65 13.95
CA ASP A 22 25.19 -12.12 15.20
C ASP A 22 25.02 -10.93 16.13
N ILE A 23 23.78 -10.68 16.54
CA ILE A 23 23.47 -9.53 17.40
C ILE A 23 22.76 -10.02 18.65
N ARG A 24 23.04 -11.27 19.06
CA ARG A 24 22.42 -11.81 20.26
C ARG A 24 22.93 -11.15 21.53
N ASN A 25 24.11 -10.53 21.49
CA ASN A 25 24.61 -9.73 22.60
C ASN A 25 24.45 -8.24 22.38
N ALA A 26 23.89 -7.84 21.24
CA ALA A 26 23.63 -6.42 20.94
C ALA A 26 22.22 -6.28 20.38
N PRO A 27 21.21 -6.44 21.23
CA PRO A 27 19.82 -6.41 20.74
C PRO A 27 19.42 -5.05 20.22
N VAL A 28 18.45 -5.06 19.31
CA VAL A 28 17.82 -3.83 18.82
C VAL A 28 16.80 -3.39 19.86
N ARG A 29 16.45 -2.10 19.85
CA ARG A 29 15.68 -1.50 20.94
C ARG A 29 14.39 -2.26 21.23
N ASN A 30 13.51 -2.37 20.23
CA ASN A 30 12.21 -3.00 20.41
C ASN A 30 12.05 -4.22 19.52
N ARG A 31 13.14 -4.94 19.26
CA ARG A 31 13.14 -6.10 18.39
C ARG A 31 13.80 -7.27 19.09
N SER A 32 13.39 -8.48 18.70
CA SER A 32 13.94 -9.72 19.25
C SER A 32 14.84 -10.44 18.25
N THR A 33 15.33 -9.72 17.24
CA THR A 33 16.17 -10.33 16.22
C THR A 33 17.46 -10.88 16.82
N GLN A 34 17.83 -12.09 16.42
CA GLN A 34 19.04 -12.75 16.90
C GLN A 34 20.17 -12.75 15.88
N PHE A 35 19.84 -12.99 14.61
CA PHE A 35 20.81 -12.94 13.51
C PHE A 35 20.25 -12.06 12.42
N GLN A 36 21.05 -11.11 11.94
CA GLN A 36 20.57 -10.19 10.91
C GLN A 36 21.32 -10.42 9.60
N LEU A 37 20.60 -10.21 8.50
CA LEU A 37 21.12 -10.42 7.17
C LEU A 37 21.85 -9.16 6.70
N ALA A 38 23.17 -9.25 6.59
CA ALA A 38 23.97 -8.11 6.12
C ALA A 38 23.76 -7.97 4.62
N GLN A 39 22.84 -7.08 4.25
CA GLN A 39 22.40 -6.96 2.85
C GLN A 39 23.55 -6.59 1.93
N GLN A 40 24.33 -5.56 2.30
CA GLN A 40 25.43 -5.13 1.45
C GLN A 40 26.54 -6.18 1.39
N ASN A 41 26.82 -6.84 2.51
CA ASN A 41 27.78 -7.93 2.51
C ASN A 41 27.30 -9.08 1.61
N MET A 42 26.00 -9.38 1.67
CA MET A 42 25.47 -10.43 0.80
C MET A 42 25.60 -10.05 -0.67
N LEU A 43 25.32 -8.80 -1.01
CA LEU A 43 25.48 -8.35 -2.39
C LEU A 43 26.93 -8.44 -2.84
N ALA A 44 27.86 -8.05 -1.97
CA ALA A 44 29.27 -8.14 -2.31
C ALA A 44 29.74 -9.58 -2.47
N TYR A 45 29.21 -10.49 -1.66
CA TYR A 45 29.61 -11.89 -1.73
C TYR A 45 29.05 -12.58 -2.96
N THR A 46 27.77 -12.37 -3.26
CA THR A 46 27.13 -13.11 -4.33
C THR A 46 27.39 -12.49 -5.70
N PHE A 47 27.41 -11.16 -5.77
CA PHE A 47 27.54 -10.46 -7.06
C PHE A 47 28.78 -9.57 -7.10
N GLY A 48 29.83 -9.94 -6.35
CA GLY A 48 31.03 -9.12 -6.33
C GLY A 48 31.82 -9.15 -7.61
N GLU A 49 31.63 -10.19 -8.44
CA GLU A 49 32.32 -10.27 -9.72
C GLU A 49 31.38 -10.76 -10.83
N VAL A 50 30.08 -10.75 -10.59
CA VAL A 50 29.10 -11.18 -11.58
C VAL A 50 27.99 -10.14 -11.65
N ILE A 51 27.66 -9.70 -12.86
CA ILE A 51 26.51 -8.82 -13.08
C ILE A 51 25.57 -9.51 -14.06
N PRO A 52 24.35 -9.85 -13.66
CA PRO A 52 23.44 -10.57 -14.56
C PRO A 52 23.16 -9.79 -15.82
N GLY A 53 23.03 -10.50 -16.94
CA GLY A 53 22.88 -9.91 -18.24
C GLY A 53 24.18 -9.56 -18.93
N PHE A 54 25.31 -9.59 -18.20
CA PHE A 54 26.59 -9.24 -18.79
C PHE A 54 27.73 -10.18 -18.39
N ALA A 55 27.38 -11.35 -17.88
CA ALA A 55 28.32 -12.38 -17.48
C ALA A 55 28.01 -13.54 -18.42
N SER A 56 28.35 -14.74 -17.99
CA SER A 56 28.17 -15.92 -18.82
C SER A 56 26.70 -16.12 -19.15
N ALA A 57 26.46 -16.79 -20.27
CA ALA A 57 25.12 -17.05 -20.78
C ALA A 57 24.26 -17.85 -19.80
N GLY A 58 24.88 -18.79 -19.09
CA GLY A 58 24.15 -19.57 -18.11
C GLY A 58 23.59 -18.61 -17.09
N ILE A 59 24.35 -17.58 -16.71
CA ILE A 59 23.83 -16.63 -15.74
C ILE A 59 22.90 -15.63 -16.43
N ASN A 60 23.17 -15.38 -17.70
CA ASN A 60 22.37 -14.44 -18.49
C ASN A 60 21.01 -15.02 -18.84
N GLY A 61 20.95 -16.32 -19.10
CA GLY A 61 19.71 -16.99 -19.46
C GLY A 61 19.01 -17.71 -18.34
N MET A 62 19.57 -17.70 -17.13
CA MET A 62 18.93 -18.36 -16.00
C MET A 62 17.62 -17.66 -15.65
N ASP A 63 16.67 -18.43 -15.15
CA ASP A 63 15.41 -17.87 -14.65
C ASP A 63 15.71 -16.76 -13.65
N TYR A 64 15.27 -15.54 -13.98
CA TYR A 64 15.67 -14.37 -13.21
C TYR A 64 15.11 -14.41 -11.79
N ARG A 65 14.10 -15.25 -11.54
CA ARG A 65 13.64 -15.48 -10.18
C ARG A 65 14.67 -16.27 -9.38
N ASP A 66 15.45 -17.14 -10.03
CA ASP A 66 16.51 -17.86 -9.34
C ASP A 66 17.73 -17.00 -9.11
N VAL A 67 17.99 -16.03 -9.99
CA VAL A 67 19.09 -15.10 -9.78
C VAL A 67 18.84 -14.24 -8.57
N ILE A 68 17.64 -13.67 -8.46
CA ILE A 68 17.21 -12.93 -7.28
C ILE A 68 16.74 -13.93 -6.24
N GLY A 69 17.62 -14.27 -5.29
CA GLY A 69 17.33 -15.33 -4.36
C GLY A 69 18.56 -16.15 -4.02
N ARG A 70 19.54 -16.14 -4.92
CA ARG A 70 20.84 -16.75 -4.60
C ARG A 70 21.51 -16.13 -3.37
N PRO A 71 21.54 -14.80 -3.19
CA PRO A 71 22.16 -14.27 -1.96
C PRO A 71 21.51 -14.77 -0.69
N VAL A 72 20.18 -14.90 -0.67
CA VAL A 72 19.49 -15.31 0.55
C VAL A 72 19.86 -16.74 0.94
N GLU A 73 19.87 -17.65 -0.05
CA GLU A 73 20.21 -19.03 0.26
C GLU A 73 21.70 -19.19 0.56
N ASN A 74 22.56 -18.40 -0.09
CA ASN A 74 23.98 -18.39 0.28
C ASN A 74 24.15 -17.95 1.73
N ALA A 75 23.41 -16.91 2.14
CA ALA A 75 23.49 -16.44 3.51
C ALA A 75 22.97 -17.50 4.49
N VAL A 76 21.88 -18.19 4.13
CA VAL A 76 21.36 -19.24 4.99
C VAL A 76 22.39 -20.36 5.16
N THR A 77 23.04 -20.74 4.06
CA THR A 77 24.09 -21.77 4.14
C THR A 77 25.24 -21.31 5.03
N GLU A 78 25.66 -20.05 4.89
CA GLU A 78 26.74 -19.54 5.75
C GLU A 78 26.33 -19.54 7.21
N GLY A 79 25.09 -19.14 7.51
CA GLY A 79 24.64 -19.13 8.89
C GLY A 79 24.55 -20.53 9.47
N THR A 80 24.12 -21.50 8.67
CA THR A 80 24.14 -22.89 9.10
C THR A 80 25.55 -23.38 9.37
N HIS A 81 26.53 -22.94 8.56
CA HIS A 81 27.90 -23.33 8.80
C HIS A 81 28.44 -22.76 10.10
N PHE A 82 28.26 -21.44 10.30
CA PHE A 82 28.87 -20.79 11.46
C PHE A 82 28.10 -21.06 12.74
N PHE A 83 26.79 -21.20 12.67
CA PHE A 83 25.96 -21.52 13.82
C PHE A 83 25.13 -22.76 13.51
N ARG A 84 24.98 -23.63 14.50
CA ARG A 84 24.31 -24.90 14.27
C ARG A 84 23.27 -25.14 15.36
N ASP A 85 22.04 -25.43 14.93
CA ASP A 85 20.90 -25.68 15.80
C ASP A 85 20.46 -24.42 16.54
N ASP A 86 21.22 -23.33 16.36
CA ASP A 86 20.87 -22.03 16.93
C ASP A 86 20.46 -21.01 15.88
N PHE A 87 20.78 -21.26 14.61
CA PHE A 87 20.55 -20.29 13.56
C PHE A 87 19.11 -20.33 13.07
N ARG A 88 18.53 -19.14 12.91
CA ARG A 88 17.17 -19.00 12.40
C ARG A 88 16.98 -17.56 11.94
N VAL A 89 16.30 -17.39 10.81
CA VAL A 89 16.03 -16.06 10.25
C VAL A 89 14.55 -15.98 9.93
N ASP A 90 13.92 -14.88 10.32
CA ASP A 90 12.50 -14.67 10.05
C ASP A 90 12.25 -14.47 8.56
N SER A 91 11.09 -14.93 8.10
CA SER A 91 10.75 -14.83 6.69
C SER A 91 10.55 -13.38 6.25
N ASN A 92 10.13 -12.51 7.17
CA ASN A 92 9.92 -11.11 6.82
C ASN A 92 11.24 -10.42 6.48
N ALA A 93 12.30 -10.73 7.22
CA ALA A 93 13.62 -10.20 6.89
C ALA A 93 14.06 -10.69 5.53
N LYS A 94 13.80 -11.96 5.22
CA LYS A 94 14.15 -12.50 3.91
C LYS A 94 13.40 -11.77 2.81
N ALA A 95 12.12 -11.48 3.02
CA ALA A 95 11.35 -10.75 2.01
C ALA A 95 11.90 -9.35 1.79
N LYS A 96 12.19 -8.63 2.89
CA LYS A 96 12.74 -7.29 2.77
C LYS A 96 14.06 -7.29 2.01
N VAL A 97 14.97 -8.20 2.40
CA VAL A 97 16.28 -8.26 1.76
C VAL A 97 16.15 -8.67 0.29
N ALA A 98 15.21 -9.57 -0.02
CA ALA A 98 15.01 -9.99 -1.40
C ALA A 98 14.51 -8.84 -2.26
N GLY A 99 13.57 -8.04 -1.74
CA GLY A 99 13.12 -6.88 -2.50
C GLY A 99 14.24 -5.88 -2.75
N ASP A 100 15.04 -5.60 -1.72
CA ASP A 100 16.16 -4.67 -1.90
C ASP A 100 17.17 -5.20 -2.90
N ILE A 101 17.45 -6.51 -2.86
CA ILE A 101 18.40 -7.11 -3.79
C ILE A 101 17.87 -7.02 -5.22
N PHE A 102 16.58 -7.31 -5.41
CA PHE A 102 15.97 -7.18 -6.73
C PHE A 102 16.15 -5.78 -7.27
N GLU A 103 15.83 -4.77 -6.45
CA GLU A 103 15.96 -3.39 -6.89
C GLU A 103 17.40 -3.06 -7.28
N ILE A 104 18.36 -3.41 -6.42
CA ILE A 104 19.75 -3.02 -6.67
C ILE A 104 20.31 -3.73 -7.89
N VAL A 105 19.98 -5.02 -8.06
CA VAL A 105 20.50 -5.77 -9.19
C VAL A 105 19.94 -5.24 -10.50
N SER A 106 18.64 -4.96 -10.54
CA SER A 106 18.07 -4.38 -11.75
C SER A 106 18.69 -3.02 -12.06
N SER A 107 18.92 -2.22 -11.03
CA SER A 107 19.56 -0.92 -11.23
C SER A 107 20.96 -1.08 -11.82
N ALA A 108 21.73 -2.04 -11.32
CA ALA A 108 23.08 -2.27 -11.83
C ALA A 108 23.05 -2.73 -13.29
N VAL A 109 22.11 -3.62 -13.62
CA VAL A 109 22.00 -4.10 -14.99
C VAL A 109 21.70 -2.93 -15.93
N MET A 110 20.76 -2.08 -15.55
CA MET A 110 20.44 -0.94 -16.41
C MET A 110 21.56 0.08 -16.43
N TRP A 111 22.35 0.18 -15.36
CA TRP A 111 23.53 1.04 -15.38
C TRP A 111 24.55 0.56 -16.40
N ASN A 112 24.80 -0.74 -16.47
CA ASN A 112 25.71 -1.25 -17.50
C ASN A 112 25.14 -1.05 -18.90
N CYS A 113 23.83 -1.24 -19.06
CA CYS A 113 23.20 -0.97 -20.36
C CYS A 113 23.41 0.49 -20.77
N ALA A 114 23.22 1.41 -19.82
CA ALA A 114 23.41 2.82 -20.11
C ALA A 114 24.87 3.14 -20.43
N ALA A 115 25.80 2.47 -19.75
CA ALA A 115 27.22 2.68 -20.04
C ALA A 115 27.54 2.24 -21.47
N ARG A 116 27.02 1.09 -21.89
CA ARG A 116 27.23 0.65 -23.27
C ARG A 116 26.60 1.64 -24.26
N TRP A 117 25.40 2.11 -23.95
CA TRP A 117 24.73 3.07 -24.83
C TRP A 117 25.55 4.35 -24.98
N ASN A 118 26.07 4.86 -23.85
CA ASN A 118 26.87 6.09 -23.89
C ASN A 118 28.16 5.87 -24.67
N SER A 119 28.80 4.71 -24.50
CA SER A 119 30.00 4.40 -25.25
C SER A 119 29.71 4.38 -26.75
N LEU A 120 28.58 3.80 -27.14
CA LEU A 120 28.19 3.83 -28.55
C LEU A 120 27.95 5.26 -29.02
N MET A 121 27.29 6.07 -28.20
CA MET A 121 26.94 7.44 -28.60
C MET A 121 28.19 8.31 -28.79
N VAL A 122 29.21 8.11 -27.96
CA VAL A 122 30.45 8.89 -28.12
C VAL A 122 31.25 8.45 -29.33
N GLY A 123 30.98 7.27 -29.87
CA GLY A 123 31.70 6.78 -31.03
C GLY A 123 32.86 5.86 -30.75
N GLU A 124 32.87 5.19 -29.59
CA GLU A 124 33.92 4.26 -29.24
C GLU A 124 33.64 2.84 -29.71
N GLY A 125 32.51 2.62 -30.37
CA GLY A 125 32.17 1.32 -30.90
C GLY A 125 30.99 0.70 -30.20
N TRP A 126 30.82 -0.61 -30.44
CA TRP A 126 29.72 -1.39 -29.85
C TRP A 126 30.31 -2.67 -29.26
N ARG A 127 30.33 -2.75 -27.93
CA ARG A 127 30.85 -3.94 -27.27
C ARG A 127 30.06 -5.16 -27.70
N SER A 128 30.75 -6.30 -27.81
CA SER A 128 30.15 -7.48 -28.41
C SER A 128 30.40 -8.78 -27.65
N GLN A 129 31.06 -8.74 -26.48
CA GLN A 129 31.30 -9.99 -25.76
C GLN A 129 30.00 -10.69 -25.39
N PRO A 130 28.99 -10.02 -24.80
CA PRO A 130 27.63 -10.56 -24.89
C PRO A 130 26.92 -9.97 -26.10
N ARG A 131 26.26 -10.79 -26.90
CA ARG A 131 25.72 -10.34 -28.17
C ARG A 131 24.34 -9.72 -27.98
N TYR A 132 24.24 -8.44 -28.29
CA TYR A 132 22.97 -7.73 -28.31
C TYR A 132 22.84 -6.98 -29.63
N SER A 133 21.61 -6.75 -30.05
CA SER A 133 21.37 -6.02 -31.29
C SER A 133 21.92 -4.60 -31.18
N ARG A 134 22.62 -4.18 -32.23
CA ARG A 134 23.19 -2.84 -32.23
C ARG A 134 22.10 -1.82 -32.56
N PRO A 135 21.96 -0.76 -31.76
CA PRO A 135 20.93 0.24 -32.04
C PRO A 135 21.14 0.89 -33.40
N THR A 136 20.03 1.17 -34.09
CA THR A 136 20.07 1.77 -35.42
C THR A 136 20.02 3.29 -35.39
N LEU A 137 19.90 3.90 -34.21
CA LEU A 137 19.87 5.35 -34.11
C LEU A 137 21.20 5.95 -34.54
N SER A 138 21.14 7.12 -35.16
CA SER A 138 22.35 7.81 -35.56
C SER A 138 23.12 8.25 -34.31
N PRO A 139 24.39 7.89 -34.18
CA PRO A 139 25.14 8.28 -32.97
C PRO A 139 25.26 9.78 -32.84
N SER A 140 25.23 10.25 -31.59
CA SER A 140 25.38 11.66 -31.28
C SER A 140 25.74 11.78 -29.81
N PRO A 141 26.73 12.62 -29.46
CA PRO A 141 27.11 12.72 -28.04
C PRO A 141 26.00 13.17 -27.13
N ARG A 142 25.07 14.01 -27.61
CA ARG A 142 24.03 14.57 -26.76
C ARG A 142 22.90 13.60 -26.46
N ARG A 143 22.85 12.45 -27.13
CA ARG A 143 21.85 11.43 -26.83
C ARG A 143 22.39 10.40 -25.83
N GLN A 144 22.88 10.90 -24.70
CA GLN A 144 23.42 10.08 -23.63
C GLN A 144 22.50 10.13 -22.42
N VAL A 145 22.42 9.02 -21.70
CA VAL A 145 21.49 8.87 -20.60
C VAL A 145 22.24 8.53 -19.33
N ALA A 146 21.64 8.90 -18.20
CA ALA A 146 22.14 8.59 -16.88
C ALA A 146 21.07 7.83 -16.10
N VAL A 147 21.50 6.76 -15.42
CA VAL A 147 20.61 5.92 -14.62
C VAL A 147 20.92 6.21 -13.16
N LEU A 148 19.94 6.72 -12.42
CA LEU A 148 20.11 7.10 -11.03
C LEU A 148 19.22 6.21 -10.16
N ASN A 149 19.83 5.53 -9.21
CA ASN A 149 19.09 4.80 -8.17
C ASN A 149 18.93 5.73 -6.99
N LEU A 150 17.69 6.04 -6.65
CA LEU A 150 17.49 7.09 -5.65
C LEU A 150 17.44 6.49 -4.24
N PRO A 151 17.83 7.27 -3.23
CA PRO A 151 17.75 6.77 -1.85
C PRO A 151 16.33 6.58 -1.37
N ARG A 152 16.18 6.14 -0.12
CA ARG A 152 14.86 5.80 0.39
C ARG A 152 14.00 7.04 0.62
N SER A 153 14.59 8.10 1.19
CA SER A 153 13.84 9.28 1.58
C SER A 153 14.28 10.51 0.79
N PHE A 154 14.44 10.34 -0.52
CA PHE A 154 14.88 11.43 -1.39
C PHE A 154 13.67 12.15 -1.97
N ASP A 155 13.77 13.48 -2.08
CA ASP A 155 12.63 14.29 -2.47
C ASP A 155 12.48 14.37 -3.99
N TRP A 156 13.55 14.09 -4.74
CA TRP A 156 13.58 13.92 -6.18
C TRP A 156 13.34 15.22 -6.94
N VAL A 157 12.97 16.29 -6.25
CA VAL A 157 12.83 17.58 -6.91
C VAL A 157 14.11 18.41 -6.85
N SER A 158 15.04 18.05 -5.97
CA SER A 158 16.33 18.75 -5.91
C SER A 158 17.19 18.47 -7.13
N LEU A 159 16.84 17.48 -7.95
CA LEU A 159 17.54 17.23 -9.20
C LEU A 159 17.24 18.29 -10.25
N LEU A 160 16.15 19.02 -10.09
CA LEU A 160 15.72 19.97 -11.10
C LEU A 160 16.53 21.27 -11.04
N VAL A 161 16.54 21.99 -12.16
CA VAL A 161 17.25 23.27 -12.22
C VAL A 161 16.57 24.26 -11.27
N PRO A 162 17.30 25.23 -10.70
CA PRO A 162 16.69 26.12 -9.71
C PRO A 162 15.50 26.91 -10.23
N GLU A 163 15.50 27.30 -11.51
CA GLU A 163 14.35 28.04 -12.04
C GLU A 163 13.09 27.19 -12.04
N SER A 164 13.22 25.90 -12.39
CA SER A 164 12.07 25.00 -12.30
C SER A 164 11.76 24.57 -10.88
N GLN A 165 12.74 24.65 -9.97
CA GLN A 165 12.50 24.33 -8.56
C GLN A 165 11.77 25.46 -7.85
N GLU A 166 11.92 26.70 -8.30
CA GLU A 166 11.32 27.83 -7.61
C GLU A 166 9.79 27.76 -7.67
N VAL A 167 9.22 27.41 -8.82
CA VAL A 167 7.76 27.35 -8.92
C VAL A 167 7.22 26.19 -8.09
N ILE A 168 7.93 25.06 -8.07
CA ILE A 168 7.52 23.92 -7.24
C ILE A 168 7.54 24.32 -5.77
N GLU A 169 8.60 25.01 -5.34
CA GLU A 169 8.69 25.42 -3.95
C GLU A 169 7.61 26.45 -3.60
N GLU A 170 7.28 27.33 -4.55
CA GLU A 170 6.21 28.30 -4.32
C GLU A 170 4.86 27.60 -4.17
N PHE A 171 4.59 26.61 -5.01
CA PHE A 171 3.35 25.85 -4.90
C PHE A 171 3.29 25.11 -3.56
N ARG A 172 4.41 24.49 -3.17
CA ARG A 172 4.48 23.77 -1.91
C ARG A 172 4.27 24.71 -0.73
N ALA A 173 4.85 25.90 -0.78
CA ALA A 173 4.66 26.87 0.30
C ALA A 173 3.25 27.42 0.33
N GLY A 174 2.61 27.58 -0.83
CA GLY A 174 1.21 27.96 -0.85
C GLY A 174 0.33 26.94 -0.18
N LEU A 175 0.59 25.65 -0.43
CA LEU A 175 -0.15 24.62 0.29
C LEU A 175 0.21 24.61 1.77
N ARG A 176 1.48 24.84 2.11
CA ARG A 176 1.92 24.80 3.49
C ARG A 176 1.24 25.90 4.32
N LYS A 177 1.06 27.08 3.73
CA LYS A 177 0.42 28.18 4.43
C LYS A 177 -1.01 27.85 4.85
N ASP A 178 -1.67 26.96 4.12
CA ASP A 178 -3.01 26.50 4.48
C ASP A 178 -2.99 25.34 5.47
N GLY A 179 -1.81 24.92 5.91
CA GLY A 179 -1.68 23.78 6.80
C GLY A 179 -1.66 22.44 6.10
N LEU A 180 -1.60 22.41 4.77
CA LEU A 180 -1.67 21.19 3.99
C LEU A 180 -0.26 20.75 3.58
N GLY A 181 -0.18 19.64 2.86
CA GLY A 181 1.09 19.13 2.41
C GLY A 181 0.92 18.26 1.18
N LEU A 182 2.06 17.87 0.60
CA LEU A 182 2.09 17.03 -0.60
C LEU A 182 3.12 15.93 -0.43
N PRO A 183 2.85 14.96 0.45
CA PRO A 183 3.81 13.88 0.66
C PRO A 183 3.70 12.78 -0.38
N THR A 184 4.82 12.09 -0.60
CA THR A 184 4.86 10.97 -1.52
C THR A 184 6.08 10.11 -1.19
N SER A 185 6.08 8.90 -1.71
CA SER A 185 7.21 8.00 -1.57
C SER A 185 8.16 8.16 -2.74
N THR A 186 9.45 8.00 -2.47
CA THR A 186 10.46 8.18 -3.50
C THR A 186 10.37 7.08 -4.55
N PRO A 187 10.32 7.42 -5.83
CA PRO A 187 10.42 6.37 -6.86
C PRO A 187 11.78 5.71 -6.83
N ASP A 188 11.81 4.46 -7.30
CA ASP A 188 13.02 3.65 -7.17
C ASP A 188 14.13 4.14 -8.10
N LEU A 189 13.90 4.15 -9.40
CA LEU A 189 14.96 4.45 -10.36
C LEU A 189 14.49 5.52 -11.35
N ALA A 190 15.42 6.39 -11.74
CA ALA A 190 15.14 7.44 -12.71
C ALA A 190 16.19 7.42 -13.81
N VAL A 191 15.74 7.34 -15.06
CA VAL A 191 16.59 7.44 -16.23
C VAL A 191 16.38 8.81 -16.86
N VAL A 192 17.44 9.62 -16.91
CA VAL A 192 17.36 10.99 -17.37
C VAL A 192 18.39 11.21 -18.48
N VAL A 193 18.31 12.38 -19.11
CA VAL A 193 19.27 12.76 -20.14
C VAL A 193 20.51 13.36 -19.47
N LEU A 194 21.68 12.95 -19.92
CA LEU A 194 22.93 13.41 -19.32
C LEU A 194 23.08 14.91 -19.51
N PRO A 195 23.47 15.66 -18.47
CA PRO A 195 23.62 17.12 -18.62
C PRO A 195 24.80 17.47 -19.53
N GLU A 196 24.79 18.73 -19.97
CA GLU A 196 25.75 19.20 -20.97
C GLU A 196 27.19 19.15 -20.44
N GLU A 197 27.40 19.57 -19.19
CA GLU A 197 28.76 19.63 -18.66
C GLU A 197 29.35 18.25 -18.35
N PHE A 198 28.53 17.20 -18.35
CA PHE A 198 29.02 15.85 -18.12
C PHE A 198 29.12 15.03 -19.40
N GLN A 199 28.96 15.65 -20.56
CA GLN A 199 28.92 14.96 -21.84
C GLN A 199 30.25 14.35 -22.24
N ASN A 200 31.34 14.67 -21.55
CA ASN A 200 32.66 14.15 -21.89
C ASN A 200 33.31 13.33 -20.78
N ASP A 201 32.80 13.38 -19.56
CA ASP A 201 33.38 12.58 -18.48
C ASP A 201 33.25 11.10 -18.79
N GLU A 202 34.29 10.34 -18.46
CA GLU A 202 34.40 8.95 -18.89
C GLU A 202 33.82 7.96 -17.88
N MET A 203 33.36 8.42 -16.72
CA MET A 203 32.80 7.49 -15.74
C MET A 203 31.36 7.10 -16.08
N TRP A 204 30.73 7.77 -17.03
CA TRP A 204 29.43 7.37 -17.54
C TRP A 204 29.54 6.45 -18.76
N ARG A 205 30.75 5.99 -19.08
CA ARG A 205 30.97 5.17 -20.26
C ARG A 205 31.61 3.82 -19.95
N GLU A 206 31.97 3.56 -18.71
CA GLU A 206 32.71 2.35 -18.33
C GLU A 206 31.81 1.45 -17.50
N GLU A 207 31.84 0.16 -17.81
CA GLU A 207 31.02 -0.82 -17.11
C GLU A 207 31.72 -1.32 -15.85
N ILE A 208 30.92 -1.78 -14.90
CA ILE A 208 31.42 -2.31 -13.64
C ILE A 208 31.48 -3.83 -13.73
N ALA A 209 32.54 -4.40 -13.14
CA ALA A 209 32.73 -5.85 -13.19
C ALA A 209 31.81 -6.58 -12.23
N GLY A 210 31.49 -5.98 -11.09
CA GLY A 210 30.64 -6.64 -10.11
C GLY A 210 30.11 -5.64 -9.12
N LEU A 211 29.31 -6.16 -8.18
CA LEU A 211 28.67 -5.32 -7.16
C LEU A 211 29.51 -5.35 -5.88
N THR A 212 30.74 -4.85 -6.01
CA THR A 212 31.59 -4.65 -4.85
C THR A 212 31.12 -3.41 -4.09
N ARG A 213 31.57 -3.32 -2.83
CA ARG A 213 31.22 -2.15 -2.02
C ARG A 213 31.63 -0.82 -2.66
N PRO A 214 32.84 -0.67 -3.24
CA PRO A 214 33.11 0.56 -3.98
C PRO A 214 32.13 0.81 -5.12
N ASN A 215 31.77 -0.24 -5.87
CA ASN A 215 30.80 -0.07 -6.94
C ASN A 215 29.40 0.19 -6.38
N GLN A 216 29.06 -0.40 -5.23
CA GLN A 216 27.79 -0.10 -4.58
C GLN A 216 27.71 1.38 -4.22
N ILE A 217 28.80 1.93 -3.66
CA ILE A 217 28.82 3.34 -3.32
C ILE A 217 28.76 4.20 -4.58
N LEU A 218 29.47 3.78 -5.63
CA LEU A 218 29.46 4.55 -6.88
C LEU A 218 28.06 4.62 -7.48
N LEU A 219 27.34 3.50 -7.48
CA LEU A 219 26.00 3.48 -8.05
C LEU A 219 24.96 4.06 -7.11
N SER A 220 25.25 4.16 -5.81
CA SER A 220 24.32 4.75 -4.86
C SER A 220 24.51 6.26 -4.69
N GLY A 221 25.61 6.81 -5.17
CA GLY A 221 25.87 8.24 -5.02
C GLY A 221 25.82 9.00 -6.33
N ALA A 222 25.43 8.31 -7.41
CA ALA A 222 25.38 8.96 -8.72
C ALA A 222 24.32 10.05 -8.80
N TYR A 223 23.33 10.04 -7.90
CA TYR A 223 22.29 11.07 -7.93
C TYR A 223 22.81 12.42 -7.47
N GLN A 224 23.78 12.44 -6.56
CA GLN A 224 24.31 13.71 -6.07
C GLN A 224 25.04 14.48 -7.16
N ARG A 225 25.60 13.78 -8.14
CA ARG A 225 26.37 14.44 -9.19
C ARG A 225 25.44 15.24 -10.12
N LEU A 226 24.23 14.74 -10.36
CA LEU A 226 23.27 15.39 -11.23
C LEU A 226 22.26 16.24 -10.47
N GLN A 227 22.51 16.52 -9.19
CA GLN A 227 21.57 17.28 -8.38
C GLN A 227 21.57 18.74 -8.80
N GLY A 228 20.38 19.27 -9.06
CA GLY A 228 20.26 20.65 -9.50
C GLY A 228 20.74 20.92 -10.90
N ARG A 229 20.73 19.91 -11.78
CA ARG A 229 21.30 20.06 -13.11
C ARG A 229 20.41 19.46 -14.21
N VAL A 230 19.19 19.03 -13.90
CA VAL A 230 18.34 18.31 -14.84
C VAL A 230 17.14 19.19 -15.18
N GLN A 231 16.89 19.34 -16.49
CA GLN A 231 15.70 20.03 -16.95
C GLN A 231 14.46 19.18 -16.70
N PRO A 232 13.31 19.83 -16.46
CA PRO A 232 12.07 19.05 -16.25
C PRO A 232 11.72 18.13 -17.42
N GLY A 233 12.01 18.54 -18.65
CA GLY A 233 11.70 17.73 -19.80
C GLY A 233 12.71 16.68 -20.17
N GLU A 234 13.79 16.54 -19.38
CA GLU A 234 14.83 15.57 -19.66
C GLU A 234 14.72 14.31 -18.80
N ILE A 235 13.64 14.17 -18.05
CA ILE A 235 13.38 12.95 -17.28
C ILE A 235 12.68 11.98 -18.22
N SER A 236 13.40 10.93 -18.63
CA SER A 236 12.93 10.04 -19.68
C SER A 236 12.18 8.83 -19.16
N LEU A 237 12.54 8.30 -17.99
CA LEU A 237 11.91 7.10 -17.49
C LEU A 237 11.92 7.09 -15.97
N ALA A 238 10.84 6.58 -15.38
CA ALA A 238 10.77 6.32 -13.95
C ALA A 238 10.35 4.87 -13.77
N VAL A 239 11.06 4.13 -12.92
CA VAL A 239 10.82 2.71 -12.74
C VAL A 239 10.66 2.41 -11.25
N ALA A 240 9.59 1.71 -10.90
CA ALA A 240 9.36 1.20 -9.56
C ALA A 240 9.44 -0.33 -9.57
N PHE A 241 10.19 -0.88 -8.63
CA PHE A 241 10.43 -2.33 -8.56
C PHE A 241 9.65 -2.93 -7.41
N LYS A 242 8.96 -4.03 -7.67
CA LYS A 242 8.26 -4.79 -6.63
C LYS A 242 8.42 -6.27 -6.95
N ARG A 243 9.09 -7.01 -6.07
CA ARG A 243 9.38 -8.41 -6.35
C ARG A 243 8.11 -9.23 -6.53
N SER A 244 7.07 -8.90 -5.76
CA SER A 244 5.78 -9.55 -5.91
C SER A 244 4.69 -8.49 -5.79
N LEU A 245 3.51 -8.82 -6.32
CA LEU A 245 2.38 -7.92 -6.31
C LEU A 245 1.26 -8.47 -5.44
N ARG A 246 0.51 -7.55 -4.83
CA ARG A 246 -0.71 -7.88 -4.10
C ARG A 246 -1.78 -6.87 -4.49
N SER A 247 -3.04 -7.25 -4.27
CA SER A 247 -4.15 -6.40 -4.69
C SER A 247 -4.20 -5.07 -3.93
N ASP A 248 -3.60 -5.00 -2.75
CA ASP A 248 -3.57 -3.76 -1.97
C ASP A 248 -2.26 -2.99 -2.13
N ARG A 249 -1.15 -3.69 -2.33
CA ARG A 249 0.14 -3.02 -2.39
C ARG A 249 0.34 -2.29 -3.72
N LEU A 250 -0.27 -2.78 -4.80
CA LEU A 250 -0.08 -2.20 -6.12
C LEU A 250 -0.55 -0.77 -6.22
N TYR A 251 -1.37 -0.30 -5.27
CA TYR A 251 -1.81 1.08 -5.27
C TYR A 251 -0.73 2.05 -4.81
N GLN A 252 0.33 1.56 -4.15
CA GLN A 252 1.38 2.48 -3.72
C GLN A 252 2.10 3.16 -4.88
N PRO A 253 2.57 2.44 -5.91
CA PRO A 253 3.17 3.14 -7.05
C PRO A 253 2.22 4.09 -7.76
N LEU A 254 0.94 3.72 -7.87
CA LEU A 254 -0.02 4.55 -8.59
C LEU A 254 -0.05 5.97 -8.02
N TYR A 255 -0.23 6.08 -6.70
CA TYR A 255 -0.17 7.39 -6.05
C TYR A 255 1.10 8.12 -6.43
N GLU A 256 2.25 7.42 -6.35
CA GLU A 256 3.51 7.98 -6.80
C GLU A 256 3.38 8.52 -8.21
N ALA A 257 2.96 7.65 -9.14
CA ALA A 257 2.87 8.05 -10.55
C ALA A 257 1.87 9.19 -10.73
N ASN A 258 0.95 9.36 -9.79
CA ASN A 258 0.09 10.53 -9.83
C ASN A 258 0.85 11.79 -9.44
N VAL A 259 1.44 11.77 -8.24
CA VAL A 259 2.01 13.01 -7.67
C VAL A 259 3.11 13.54 -8.59
N MET A 260 3.98 12.66 -9.05
CA MET A 260 5.04 13.07 -9.98
C MET A 260 4.45 13.80 -11.17
N GLN A 261 3.42 13.21 -11.80
CA GLN A 261 2.80 13.86 -12.95
C GLN A 261 2.21 15.21 -12.54
N LEU A 262 1.61 15.27 -11.35
CA LEU A 262 1.02 16.52 -10.87
C LEU A 262 2.06 17.63 -10.84
N LEU A 263 3.32 17.28 -10.59
CA LEU A 263 4.37 18.29 -10.51
C LEU A 263 5.11 18.50 -11.83
N LEU A 264 4.86 17.68 -12.85
CA LEU A 264 5.59 17.78 -14.09
C LEU A 264 4.73 18.23 -15.27
N GLU A 265 3.56 17.60 -15.46
CA GLU A 265 2.67 18.03 -16.53
C GLU A 265 1.81 19.22 -16.13
N GLY A 266 1.73 19.52 -14.84
CA GLY A 266 0.88 20.61 -14.38
C GLY A 266 1.60 21.92 -14.14
N LYS A 267 2.71 21.87 -13.42
CA LYS A 267 3.42 23.08 -12.98
C LYS A 267 4.68 23.35 -13.79
N LEU A 268 5.02 22.50 -14.76
CA LEU A 268 6.20 22.71 -15.58
C LEU A 268 5.96 22.53 -17.08
N GLY A 269 4.80 22.04 -17.49
CA GLY A 269 4.51 21.90 -18.90
C GLY A 269 5.26 20.80 -19.61
N ALA A 270 5.68 19.76 -18.89
CA ALA A 270 6.36 18.65 -19.53
C ALA A 270 5.40 17.90 -20.45
N PRO A 271 5.93 17.26 -21.52
CA PRO A 271 5.04 16.56 -22.46
C PRO A 271 4.22 15.46 -21.80
N LYS A 272 4.89 14.48 -21.20
CA LYS A 272 4.23 13.40 -20.48
C LYS A 272 5.29 12.63 -19.72
N VAL A 273 4.92 12.15 -18.53
CA VAL A 273 5.84 11.44 -17.65
C VAL A 273 5.73 9.95 -17.93
N GLU A 274 6.88 9.29 -18.06
CA GLU A 274 6.94 7.84 -18.24
C GLU A 274 7.20 7.20 -16.89
N PHE A 275 6.40 6.18 -16.56
CA PHE A 275 6.46 5.58 -15.23
C PHE A 275 5.97 4.14 -15.36
N GLU A 276 6.85 3.18 -15.08
CA GLU A 276 6.51 1.78 -15.21
C GLU A 276 6.90 1.02 -13.95
N VAL A 277 6.31 -0.18 -13.82
CA VAL A 277 6.50 -1.04 -12.66
C VAL A 277 7.04 -2.38 -13.14
N HIS A 278 8.12 -2.84 -12.50
CA HIS A 278 8.70 -4.14 -12.78
C HIS A 278 8.38 -5.09 -11.63
N THR A 279 8.04 -6.33 -11.99
CA THR A 279 7.65 -7.34 -11.01
C THR A 279 8.08 -8.71 -11.51
N LEU A 280 8.22 -9.64 -10.57
CA LEU A 280 8.56 -11.02 -10.90
C LEU A 280 7.40 -12.00 -10.72
N ALA A 281 6.39 -11.64 -9.94
CA ALA A 281 5.26 -12.51 -9.67
C ALA A 281 3.98 -11.69 -9.56
N PRO A 282 3.23 -11.53 -10.65
CA PRO A 282 1.94 -10.84 -10.59
C PRO A 282 0.74 -11.76 -10.36
N GLU A 283 0.95 -13.04 -10.12
CA GLU A 283 -0.15 -13.99 -9.98
C GLU A 283 -0.94 -13.71 -8.69
N GLY A 284 -2.21 -14.10 -8.71
CA GLY A 284 -3.10 -13.85 -7.62
C GLY A 284 -3.78 -12.51 -7.63
N THR A 285 -3.44 -11.64 -8.56
CA THR A 285 -4.04 -10.32 -8.70
C THR A 285 -4.57 -10.13 -10.12
N ASN A 286 -5.04 -8.92 -10.39
CA ASN A 286 -5.50 -8.51 -11.72
C ASN A 286 -4.85 -7.19 -12.10
N ALA A 287 -3.53 -7.11 -11.90
CA ALA A 287 -2.81 -5.85 -12.07
C ALA A 287 -2.69 -5.43 -13.53
N PHE A 288 -2.74 -6.38 -14.47
CA PHE A 288 -2.68 -6.01 -15.88
C PHE A 288 -3.90 -5.20 -16.32
N VAL A 289 -5.01 -5.30 -15.60
CA VAL A 289 -6.18 -4.47 -15.84
C VAL A 289 -6.19 -3.24 -14.96
N THR A 290 -5.77 -3.40 -13.69
CA THR A 290 -5.79 -2.29 -12.75
C THR A 290 -4.83 -1.18 -13.17
N TYR A 291 -3.74 -1.52 -13.86
CA TYR A 291 -2.82 -0.51 -14.36
C TYR A 291 -3.28 0.16 -15.64
N GLU A 292 -4.37 -0.32 -16.22
CA GLU A 292 -4.93 0.33 -17.38
C GLU A 292 -5.87 1.36 -16.78
N ALA A 293 -5.30 2.27 -15.98
CA ALA A 293 -6.08 3.29 -15.30
C ALA A 293 -5.59 4.71 -15.57
N ALA A 294 -6.52 5.61 -15.84
CA ALA A 294 -6.19 6.99 -16.12
C ALA A 294 -5.64 7.77 -14.92
N SER A 295 -4.67 8.63 -15.20
CA SER A 295 -4.02 9.49 -14.23
C SER A 295 -5.00 10.45 -13.61
N LEU A 296 -4.91 10.61 -12.28
CA LEU A 296 -5.81 11.50 -11.56
C LEU A 296 -5.29 12.92 -11.63
N TYR A 297 -5.46 13.52 -12.80
CA TYR A 297 -4.96 14.86 -13.05
C TYR A 297 -5.65 15.48 -14.25
N GLY A 298 -6.42 16.53 -13.99
CA GLY A 298 -7.14 17.23 -15.04
C GLY A 298 -8.53 16.64 -15.29
N LEU A 299 -8.85 15.51 -14.64
CA LEU A 299 -10.13 14.83 -14.85
C LEU A 299 -11.32 15.66 -14.38
N ALA A 300 -11.10 16.51 -13.37
CA ALA A 300 -12.15 17.36 -12.85
C ALA A 300 -12.36 18.62 -13.69
N GLU A 301 -11.45 18.89 -14.63
CA GLU A 301 -11.54 20.08 -15.45
C GLU A 301 -11.90 19.77 -16.90
N GLY A 302 -11.25 18.76 -17.47
CA GLY A 302 -11.48 18.38 -18.86
C GLY A 302 -10.74 19.31 -19.82
N ARG A 303 -9.66 19.92 -19.33
CA ARG A 303 -8.88 20.89 -20.10
C ARG A 303 -7.72 20.28 -20.89
N SER A 304 -7.56 18.96 -20.81
CA SER A 304 -6.46 18.32 -21.53
C SER A 304 -6.78 16.86 -21.83
N ALA A 305 -5.90 16.24 -22.61
CA ALA A 305 -6.07 14.84 -22.98
C ALA A 305 -5.87 13.93 -21.79
N VAL A 306 -6.62 12.84 -21.78
CA VAL A 306 -6.56 11.86 -20.71
C VAL A 306 -5.66 10.71 -21.08
N HIS A 307 -4.79 10.34 -20.17
CA HIS A 307 -3.85 9.25 -20.36
C HIS A 307 -3.67 8.50 -19.08
N ARG A 308 -2.94 7.38 -19.14
CA ARG A 308 -2.68 6.53 -17.99
C ARG A 308 -1.55 6.99 -17.08
N ALA A 309 -1.71 6.74 -15.79
CA ALA A 309 -0.70 7.06 -14.78
C ALA A 309 0.56 6.22 -14.96
N ILE A 310 0.39 4.94 -15.29
CA ILE A 310 1.51 4.02 -15.46
C ILE A 310 1.67 3.52 -16.89
N ARG A 311 2.89 3.59 -17.40
CA ARG A 311 3.23 3.18 -18.76
C ARG A 311 3.04 1.69 -19.11
N GLU A 312 3.42 0.79 -18.21
CA GLU A 312 3.31 -0.63 -18.51
C GLU A 312 3.75 -1.42 -17.28
N LEU A 313 3.29 -2.67 -17.20
CA LEU A 313 3.74 -3.62 -16.21
C LEU A 313 4.56 -4.69 -16.91
N TYR A 314 5.81 -4.86 -16.48
CA TYR A 314 6.76 -5.73 -17.16
C TYR A 314 7.25 -6.81 -16.21
N VAL A 315 7.29 -8.04 -16.69
CA VAL A 315 7.78 -9.18 -15.93
C VAL A 315 8.98 -9.76 -16.68
N PRO A 316 10.20 -9.45 -16.26
CA PRO A 316 11.39 -9.94 -16.97
C PRO A 316 11.64 -11.41 -16.66
N PRO A 317 11.64 -12.28 -17.67
CA PRO A 317 11.98 -13.68 -17.42
C PRO A 317 13.47 -13.89 -17.16
N THR A 318 14.34 -13.11 -17.81
CA THR A 318 15.78 -13.18 -17.60
C THR A 318 16.32 -11.76 -17.53
N ALA A 319 17.61 -11.64 -17.17
CA ALA A 319 18.25 -10.33 -17.16
C ALA A 319 18.61 -9.87 -18.57
N ALA A 320 18.88 -10.81 -19.48
CA ALA A 320 19.14 -10.45 -20.86
C ALA A 320 17.92 -9.80 -21.50
N ASP A 321 16.72 -10.30 -21.16
CA ASP A 321 15.50 -9.68 -21.66
C ASP A 321 15.33 -8.26 -21.14
N LEU A 322 15.68 -8.03 -19.86
CA LEU A 322 15.64 -6.68 -19.33
C LEU A 322 16.61 -5.76 -20.06
N ALA A 323 17.82 -6.26 -20.33
CA ALA A 323 18.81 -5.48 -21.08
C ALA A 323 18.28 -5.14 -22.47
N ARG A 324 17.70 -6.12 -23.15
CA ARG A 324 17.16 -5.89 -24.50
C ARG A 324 16.03 -4.87 -24.46
N ARG A 325 15.15 -4.98 -23.47
CA ARG A 325 14.05 -4.03 -23.36
C ARG A 325 14.56 -2.62 -23.12
N PHE A 326 15.55 -2.46 -22.24
CA PHE A 326 16.11 -1.13 -22.00
C PHE A 326 16.79 -0.57 -23.25
N PHE A 327 17.51 -1.43 -23.98
CA PHE A 327 18.15 -0.98 -25.21
C PHE A 327 17.12 -0.53 -26.24
N ALA A 328 16.04 -1.30 -26.40
CA ALA A 328 14.99 -0.92 -27.34
C ALA A 328 14.31 0.37 -26.93
N PHE A 329 14.05 0.54 -25.63
CA PHE A 329 13.44 1.77 -25.15
C PHE A 329 14.34 2.97 -25.42
N LEU A 330 15.64 2.84 -25.16
CA LEU A 330 16.56 3.92 -25.44
C LEU A 330 16.60 4.24 -26.93
N ASN A 331 16.65 3.21 -27.78
CA ASN A 331 16.68 3.41 -29.21
C ASN A 331 15.43 4.14 -29.70
N GLU A 332 14.27 3.78 -29.16
CA GLU A 332 13.02 4.38 -29.60
C GLU A 332 12.82 5.79 -29.05
N ARG A 333 13.35 6.10 -27.87
CA ARG A 333 13.06 7.39 -27.25
C ARG A 333 14.12 8.45 -27.51
N MET A 334 15.39 8.08 -27.64
CA MET A 334 16.43 9.09 -27.82
C MET A 334 16.36 9.77 -29.18
N GLU A 335 15.54 9.27 -30.11
CA GLU A 335 15.36 9.94 -31.39
C GLU A 335 14.78 11.33 -31.22
N LEU A 336 13.92 11.52 -30.21
CA LEU A 336 13.28 12.81 -29.98
C LEU A 336 14.26 13.88 -29.50
N VAL A 337 15.47 13.50 -29.10
CA VAL A 337 16.49 14.47 -28.69
C VAL A 337 17.22 14.96 -29.94
N ASN A 338 17.28 16.27 -30.09
CA ASN A 338 17.90 16.88 -31.26
C ASN A 338 19.41 16.94 -31.06
N GLY A 339 20.15 16.17 -31.87
CA GLY A 339 21.59 16.13 -31.77
C GLY A 339 22.27 17.35 -32.36
N PRO C 2 -16.85 -18.53 24.96
CA PRO C 2 -17.10 -17.19 25.51
C PRO C 2 -15.87 -16.29 25.46
N PHE C 3 -15.91 -15.20 26.24
CA PHE C 3 -14.80 -14.25 26.25
C PHE C 3 -13.58 -14.78 26.98
N THR C 4 -13.74 -15.77 27.85
CA THR C 4 -12.65 -16.23 28.69
C THR C 4 -12.30 -17.70 28.45
N TYR C 5 -12.74 -18.28 27.33
CA TYR C 5 -12.39 -19.65 26.97
C TYR C 5 -12.81 -20.68 28.03
N SER C 6 -14.11 -20.91 28.18
CA SER C 6 -14.58 -22.03 28.97
C SER C 6 -14.23 -23.35 28.27
N ILE C 7 -13.74 -24.32 29.06
CA ILE C 7 -13.41 -25.63 28.51
C ILE C 7 -14.69 -26.39 28.15
N GLU C 8 -15.70 -26.32 29.01
CA GLU C 8 -16.96 -27.01 28.74
C GLU C 8 -17.62 -26.47 27.49
N ALA C 9 -17.58 -25.14 27.29
CA ALA C 9 -18.15 -24.55 26.09
C ALA C 9 -17.46 -25.06 24.84
N THR C 10 -16.12 -25.19 24.89
CA THR C 10 -15.39 -25.72 23.75
C THR C 10 -15.75 -27.18 23.51
N ARG C 11 -15.92 -27.97 24.57
CA ARG C 11 -16.30 -29.36 24.40
C ARG C 11 -17.70 -29.51 23.81
N ASN C 12 -18.62 -28.61 24.17
CA ASN C 12 -19.98 -28.68 23.66
C ASN C 12 -20.12 -28.18 22.23
N LEU C 13 -19.07 -27.58 21.67
CA LEU C 13 -19.13 -27.10 20.30
C LEU C 13 -19.17 -28.26 19.30
N ALA C 14 -19.83 -28.02 18.17
CA ALA C 14 -19.82 -28.97 17.08
C ALA C 14 -18.47 -28.92 16.35
N THR C 15 -18.23 -29.94 15.52
CA THR C 15 -16.97 -30.02 14.79
C THR C 15 -16.84 -28.88 13.78
N THR C 16 -17.93 -28.49 13.13
CA THR C 16 -17.91 -27.43 12.13
C THR C 16 -18.00 -26.04 12.75
N GLU C 17 -18.17 -25.94 14.07
CA GLU C 17 -18.25 -24.66 14.75
C GLU C 17 -16.98 -24.33 15.53
N ARG C 18 -15.92 -25.13 15.38
CA ARG C 18 -14.70 -24.93 16.12
C ARG C 18 -13.85 -23.83 15.50
N CYS C 19 -13.11 -23.13 16.36
CA CYS C 19 -12.34 -21.96 15.91
C CYS C 19 -11.24 -22.32 14.91
N ILE C 20 -10.78 -23.56 14.90
CA ILE C 20 -9.70 -23.99 14.01
C ILE C 20 -10.17 -25.19 13.21
N GLN C 21 -9.99 -25.12 11.90
CA GLN C 21 -10.35 -26.20 10.99
C GLN C 21 -9.09 -26.92 10.52
N ASP C 22 -9.08 -28.24 10.67
CA ASP C 22 -7.97 -29.06 10.20
C ASP C 22 -8.17 -29.37 8.72
N ILE C 23 -7.21 -28.95 7.90
CA ILE C 23 -7.30 -29.14 6.45
C ILE C 23 -6.07 -29.89 5.97
N ARG C 24 -5.48 -30.72 6.83
CA ARG C 24 -4.31 -31.49 6.45
C ARG C 24 -4.64 -32.58 5.44
N ASN C 25 -5.90 -33.01 5.37
CA ASN C 25 -6.36 -33.94 4.34
C ASN C 25 -7.11 -33.25 3.22
N ALA C 26 -7.27 -31.92 3.28
CA ALA C 26 -7.93 -31.14 2.23
C ALA C 26 -7.10 -29.91 1.94
N PRO C 27 -5.94 -30.08 1.29
CA PRO C 27 -5.05 -28.93 1.07
C PRO C 27 -5.65 -27.91 0.11
N VAL C 28 -5.19 -26.68 0.25
CA VAL C 28 -5.52 -25.60 -0.68
C VAL C 28 -4.62 -25.76 -1.90
N ARG C 29 -5.04 -25.19 -3.02
CA ARG C 29 -4.42 -25.46 -4.31
C ARG C 29 -2.90 -25.22 -4.29
N ASN C 30 -2.50 -23.98 -3.99
CA ASN C 30 -1.09 -23.61 -4.01
C ASN C 30 -0.61 -23.16 -2.63
N ARG C 31 -1.17 -23.75 -1.57
CA ARG C 31 -0.81 -23.38 -0.21
C ARG C 31 -0.47 -24.63 0.59
N SER C 32 0.38 -24.45 1.61
CA SER C 32 0.80 -25.53 2.49
C SER C 32 0.15 -25.44 3.87
N THR C 33 -0.95 -24.69 3.99
CA THR C 33 -1.60 -24.50 5.26
C THR C 33 -2.11 -25.84 5.81
N GLN C 34 -1.88 -26.06 7.11
CA GLN C 34 -2.30 -27.28 7.79
C GLN C 34 -3.51 -27.07 8.68
N PHE C 35 -3.56 -25.96 9.41
CA PHE C 35 -4.69 -25.60 10.26
C PHE C 35 -5.10 -24.18 9.93
N GLN C 36 -6.38 -23.96 9.69
CA GLN C 36 -6.85 -22.63 9.33
C GLN C 36 -7.74 -22.05 10.42
N LEU C 37 -7.65 -20.73 10.57
CA LEU C 37 -8.39 -20.01 11.60
C LEU C 37 -9.78 -19.68 11.08
N ALA C 38 -10.81 -20.32 11.65
CA ALA C 38 -12.20 -20.05 11.26
C ALA C 38 -12.60 -18.70 11.84
N GLN C 39 -12.49 -17.66 11.01
CA GLN C 39 -12.67 -16.29 11.49
C GLN C 39 -14.08 -16.06 12.05
N GLN C 40 -15.10 -16.50 11.31
CA GLN C 40 -16.47 -16.29 11.76
C GLN C 40 -16.78 -17.13 13.00
N ASN C 41 -16.28 -18.36 13.04
CA ASN C 41 -16.45 -19.19 14.23
C ASN C 41 -15.75 -18.55 15.43
N MET C 42 -14.56 -17.98 15.22
CA MET C 42 -13.86 -17.30 16.30
C MET C 42 -14.65 -16.11 16.81
N LEU C 43 -15.23 -15.32 15.90
CA LEU C 43 -16.04 -14.18 16.30
C LEU C 43 -17.27 -14.63 17.07
N ALA C 44 -17.91 -15.72 16.64
CA ALA C 44 -19.08 -16.22 17.35
C ALA C 44 -18.72 -16.77 18.72
N TYR C 45 -17.54 -17.39 18.85
CA TYR C 45 -17.13 -17.95 20.14
C TYR C 45 -16.73 -16.86 21.13
N THR C 46 -15.95 -15.88 20.68
CA THR C 46 -15.40 -14.89 21.61
C THR C 46 -16.40 -13.77 21.90
N PHE C 47 -17.15 -13.34 20.89
CA PHE C 47 -18.05 -12.20 21.03
C PHE C 47 -19.51 -12.57 20.76
N GLY C 48 -19.87 -13.83 21.02
CA GLY C 48 -21.24 -14.27 20.76
C GLY C 48 -22.26 -13.67 21.70
N GLU C 49 -21.83 -13.22 22.88
CA GLU C 49 -22.74 -12.59 23.83
C GLU C 49 -22.13 -11.35 24.48
N VAL C 50 -21.05 -10.83 23.92
CA VAL C 50 -20.38 -9.64 24.44
C VAL C 50 -20.10 -8.69 23.27
N ILE C 51 -20.48 -7.44 23.43
CA ILE C 51 -20.13 -6.39 22.47
C ILE C 51 -19.36 -5.30 23.20
N PRO C 52 -18.10 -5.07 22.86
CA PRO C 52 -17.31 -4.07 23.59
C PRO C 52 -17.94 -2.69 23.53
N GLY C 53 -17.81 -1.95 24.62
CA GLY C 53 -18.45 -0.66 24.77
C GLY C 53 -19.87 -0.71 25.26
N PHE C 54 -20.49 -1.90 25.30
CA PHE C 54 -21.88 -2.02 25.75
C PHE C 54 -22.11 -3.22 26.66
N ALA C 55 -21.04 -3.76 27.22
CA ALA C 55 -21.08 -4.89 28.14
C ALA C 55 -20.53 -4.30 29.44
N SER C 56 -20.01 -5.18 30.27
CA SER C 56 -19.50 -4.76 31.57
C SER C 56 -18.37 -3.76 31.43
N ALA C 57 -18.20 -2.94 32.45
CA ALA C 57 -17.19 -1.88 32.47
C ALA C 57 -15.76 -2.43 32.32
N GLY C 58 -15.50 -3.59 32.90
CA GLY C 58 -14.20 -4.20 32.78
C GLY C 58 -13.93 -4.44 31.30
N ILE C 59 -14.95 -4.85 30.56
CA ILE C 59 -14.73 -5.07 29.13
C ILE C 59 -14.79 -3.75 28.38
N ASN C 60 -15.56 -2.81 28.91
CA ASN C 60 -15.69 -1.49 28.31
C ASN C 60 -14.45 -0.63 28.50
N GLY C 61 -13.78 -0.77 29.65
CA GLY C 61 -12.59 -0.01 29.95
C GLY C 61 -11.28 -0.73 29.72
N MET C 62 -11.32 -1.98 29.28
CA MET C 62 -10.09 -2.72 29.00
C MET C 62 -9.35 -2.09 27.83
N ASP C 63 -8.03 -2.20 27.87
CA ASP C 63 -7.19 -1.76 26.76
C ASP C 63 -7.69 -2.40 25.46
N TYR C 64 -8.11 -1.55 24.52
CA TYR C 64 -8.79 -2.04 23.33
C TYR C 64 -7.87 -2.88 22.45
N ARG C 65 -6.56 -2.77 22.65
CA ARG C 65 -5.62 -3.68 22.00
C ARG C 65 -5.73 -5.10 22.55
N ASP C 66 -6.07 -5.24 23.82
CA ASP C 66 -6.27 -6.56 24.40
C ASP C 66 -7.62 -7.16 24.01
N VAL C 67 -8.63 -6.32 23.77
CA VAL C 67 -9.92 -6.81 23.30
C VAL C 67 -9.78 -7.40 21.90
N ILE C 68 -9.12 -6.66 21.01
CA ILE C 68 -8.81 -7.17 19.68
C ILE C 68 -7.55 -8.03 19.78
N GLY C 69 -7.74 -9.35 19.85
CA GLY C 69 -6.63 -10.23 20.11
C GLY C 69 -7.03 -11.40 21.00
N ARG C 70 -8.10 -11.21 21.79
CA ARG C 70 -8.67 -12.33 22.54
C ARG C 70 -9.12 -13.48 21.64
N PRO C 71 -9.80 -13.27 20.51
CA PRO C 71 -10.16 -14.44 19.67
C PRO C 71 -8.95 -15.24 19.19
N VAL C 72 -7.85 -14.57 18.86
CA VAL C 72 -6.70 -15.29 18.32
C VAL C 72 -6.08 -16.19 19.38
N GLU C 73 -5.92 -15.68 20.60
CA GLU C 73 -5.34 -16.51 21.66
C GLU C 73 -6.31 -17.59 22.13
N ASN C 74 -7.62 -17.31 22.12
CA ASN C 74 -8.59 -18.37 22.39
C ASN C 74 -8.49 -19.48 21.36
N ALA C 75 -8.35 -19.11 20.08
CA ALA C 75 -8.20 -20.11 19.03
C ALA C 75 -6.91 -20.90 19.20
N VAL C 76 -5.81 -20.24 19.57
CA VAL C 76 -4.55 -20.94 19.79
C VAL C 76 -4.69 -21.93 20.93
N THR C 77 -5.35 -21.53 22.01
CA THR C 77 -5.59 -22.44 23.13
C THR C 77 -6.43 -23.64 22.69
N GLU C 78 -7.48 -23.41 21.90
CA GLU C 78 -8.31 -24.51 21.42
C GLU C 78 -7.50 -25.46 20.55
N GLY C 79 -6.67 -24.92 19.66
CA GLY C 79 -5.85 -25.75 18.80
C GLY C 79 -4.84 -26.57 19.57
N THR C 80 -4.25 -25.98 20.62
CA THR C 80 -3.38 -26.74 21.50
C THR C 80 -4.12 -27.84 22.23
N HIS C 81 -5.38 -27.60 22.61
CA HIS C 81 -6.15 -28.64 23.26
C HIS C 81 -6.45 -29.80 22.31
N PHE C 82 -6.95 -29.49 21.12
CA PHE C 82 -7.40 -30.54 20.21
C PHE C 82 -6.23 -31.23 19.51
N PHE C 83 -5.16 -30.50 19.22
CA PHE C 83 -3.96 -31.06 18.62
C PHE C 83 -2.76 -30.72 19.47
N ARG C 84 -1.85 -31.67 19.61
CA ARG C 84 -0.72 -31.51 20.51
C ARG C 84 0.57 -31.88 19.80
N ASP C 85 1.55 -30.96 19.84
CA ASP C 85 2.85 -31.09 19.22
C ASP C 85 2.76 -31.08 17.69
N ASP C 86 1.53 -31.05 17.17
CA ASP C 86 1.29 -30.94 15.74
C ASP C 86 0.71 -29.59 15.33
N PHE C 87 0.17 -28.84 16.29
CA PHE C 87 -0.52 -27.59 15.97
C PHE C 87 0.45 -26.45 15.77
N ARG C 88 0.21 -25.67 14.73
CA ARG C 88 1.01 -24.49 14.42
C ARG C 88 0.24 -23.61 13.45
N VAL C 89 0.29 -22.30 13.66
CA VAL C 89 -0.39 -21.34 12.81
C VAL C 89 0.61 -20.25 12.42
N ASP C 90 0.64 -19.91 11.13
CA ASP C 90 1.53 -18.88 10.63
C ASP C 90 1.11 -17.51 11.15
N SER C 91 2.12 -16.65 11.36
CA SER C 91 1.86 -15.32 11.89
C SER C 91 1.09 -14.45 10.91
N ASN C 92 1.24 -14.70 9.61
CA ASN C 92 0.54 -13.91 8.60
C ASN C 92 -0.96 -14.14 8.67
N ALA C 93 -1.38 -15.40 8.88
CA ALA C 93 -2.79 -15.69 9.07
C ALA C 93 -3.32 -14.99 10.31
N LYS C 94 -2.53 -14.97 11.39
CA LYS C 94 -2.94 -14.28 12.60
C LYS C 94 -3.13 -12.80 12.33
N ALA C 95 -2.23 -12.18 11.57
CA ALA C 95 -2.35 -10.76 11.26
C ALA C 95 -3.60 -10.49 10.43
N LYS C 96 -3.86 -11.31 9.41
CA LYS C 96 -5.05 -11.12 8.58
C LYS C 96 -6.32 -11.23 9.41
N VAL C 97 -6.40 -12.27 10.23
CA VAL C 97 -7.60 -12.50 11.05
C VAL C 97 -7.75 -11.38 12.07
N ALA C 98 -6.65 -10.89 12.63
CA ALA C 98 -6.72 -9.80 13.61
C ALA C 98 -7.24 -8.53 12.97
N GLY C 99 -6.78 -8.21 11.76
CA GLY C 99 -7.31 -7.03 11.07
C GLY C 99 -8.79 -7.15 10.78
N ASP C 100 -9.22 -8.32 10.30
CA ASP C 100 -10.64 -8.51 10.03
C ASP C 100 -11.47 -8.41 11.30
N ILE C 101 -10.98 -8.97 12.40
CA ILE C 101 -11.70 -8.91 13.68
C ILE C 101 -11.81 -7.47 14.16
N PHE C 102 -10.72 -6.71 14.05
CA PHE C 102 -10.75 -5.30 14.43
C PHE C 102 -11.82 -4.56 13.64
N GLU C 103 -11.85 -4.75 12.32
CA GLU C 103 -12.84 -4.08 11.50
C GLU C 103 -14.26 -4.44 11.92
N ILE C 104 -14.53 -5.75 12.06
CA ILE C 104 -15.89 -6.18 12.34
C ILE C 104 -16.35 -5.72 13.72
N VAL C 105 -15.46 -5.78 14.73
CA VAL C 105 -15.84 -5.38 16.07
C VAL C 105 -16.12 -3.89 16.13
N SER C 106 -15.27 -3.07 15.49
CA SER C 106 -15.55 -1.63 15.47
C SER C 106 -16.86 -1.33 14.75
N SER C 107 -17.14 -2.06 13.66
CA SER C 107 -18.40 -1.86 12.95
C SER C 107 -19.59 -2.20 13.84
N ALA C 108 -19.50 -3.29 14.61
CA ALA C 108 -20.60 -3.66 15.50
C ALA C 108 -20.80 -2.63 16.61
N VAL C 109 -19.70 -2.11 17.16
CA VAL C 109 -19.81 -1.09 18.20
C VAL C 109 -20.53 0.14 17.66
N MET C 110 -20.12 0.59 16.47
CA MET C 110 -20.78 1.77 15.91
C MET C 110 -22.21 1.48 15.48
N TRP C 111 -22.51 0.23 15.11
CA TRP C 111 -23.90 -0.15 14.84
C TRP C 111 -24.77 -0.02 16.08
N ASN C 112 -24.28 -0.47 17.22
CA ASN C 112 -25.06 -0.29 18.46
C ASN C 112 -25.18 1.18 18.83
N CYS C 113 -24.11 1.96 18.63
CA CYS C 113 -24.21 3.40 18.86
C CYS C 113 -25.29 4.03 17.98
N ALA C 114 -25.33 3.65 16.71
CA ALA C 114 -26.34 4.18 15.80
C ALA C 114 -27.73 3.73 16.20
N ALA C 115 -27.88 2.51 16.68
CA ALA C 115 -29.18 2.04 17.15
C ALA C 115 -29.67 2.87 18.33
N ARG C 116 -28.79 3.15 19.28
CA ARG C 116 -29.18 4.01 20.40
C ARG C 116 -29.53 5.41 19.93
N TRP C 117 -28.76 5.95 18.99
CA TRP C 117 -29.06 7.28 18.45
C TRP C 117 -30.43 7.32 17.78
N ASN C 118 -30.73 6.31 16.98
CA ASN C 118 -32.02 6.26 16.30
C ASN C 118 -33.16 6.11 17.29
N SER C 119 -32.97 5.29 18.33
CA SER C 119 -34.00 5.17 19.36
C SER C 119 -34.26 6.50 20.06
N LEU C 120 -33.20 7.26 20.34
CA LEU C 120 -33.38 8.60 20.90
C LEU C 120 -34.12 9.51 19.92
N MET C 121 -33.77 9.44 18.63
CA MET C 121 -34.37 10.33 17.65
C MET C 121 -35.86 10.07 17.47
N VAL C 122 -36.28 8.79 17.55
CA VAL C 122 -37.71 8.48 17.42
C VAL C 122 -38.49 8.88 18.65
N GLY C 123 -37.82 9.12 19.78
CA GLY C 123 -38.51 9.52 20.99
C GLY C 123 -38.81 8.41 21.95
N GLU C 124 -38.09 7.30 21.90
CA GLU C 124 -38.28 6.19 22.81
C GLU C 124 -37.45 6.30 24.08
N GLY C 125 -36.67 7.36 24.23
CA GLY C 125 -35.88 7.60 25.42
C GLY C 125 -34.40 7.49 25.15
N TRP C 126 -33.64 7.40 26.26
CA TRP C 126 -32.19 7.31 26.22
C TRP C 126 -31.76 6.16 27.11
N ARG C 127 -31.29 5.07 26.51
CA ARG C 127 -30.83 3.93 27.28
C ARG C 127 -29.70 4.36 28.22
N SER C 128 -29.66 3.74 29.40
CA SER C 128 -28.76 4.19 30.44
C SER C 128 -28.00 3.09 31.17
N GLN C 129 -28.14 1.82 30.77
CA GLN C 129 -27.42 0.76 31.46
C GLN C 129 -25.91 0.96 31.40
N PRO C 130 -25.30 1.23 30.23
CA PRO C 130 -23.98 1.88 30.25
C PRO C 130 -24.14 3.39 30.16
N ARG C 131 -23.45 4.14 31.00
CA ARG C 131 -23.70 5.57 31.13
C ARG C 131 -22.91 6.33 30.07
N TYR C 132 -23.62 7.00 29.18
CA TYR C 132 -23.03 7.90 28.20
C TYR C 132 -23.77 9.23 28.25
N SER C 133 -23.08 10.29 27.87
CA SER C 133 -23.70 11.62 27.85
C SER C 133 -24.85 11.65 26.85
N ARG C 134 -25.97 12.21 27.27
CA ARG C 134 -27.13 12.30 26.41
C ARG C 134 -26.94 13.44 25.40
N PRO C 135 -27.14 13.18 24.11
CA PRO C 135 -26.97 14.25 23.11
C PRO C 135 -27.94 15.39 23.36
N THR C 136 -27.46 16.62 23.12
CA THR C 136 -28.25 17.83 23.34
C THR C 136 -29.01 18.26 22.10
N LEU C 137 -28.86 17.55 20.99
CA LEU C 137 -29.59 17.92 19.77
C LEU C 137 -31.08 17.71 19.95
N SER C 138 -31.86 18.57 19.33
CA SER C 138 -33.31 18.42 19.38
C SER C 138 -33.73 17.16 18.65
N PRO C 139 -34.48 16.26 19.30
CA PRO C 139 -34.87 15.02 18.62
C PRO C 139 -35.73 15.28 17.40
N SER C 140 -35.54 14.43 16.38
CA SER C 140 -36.31 14.50 15.15
C SER C 140 -36.18 13.18 14.44
N PRO C 141 -37.27 12.60 13.92
CA PRO C 141 -37.17 11.30 13.23
C PRO C 141 -36.24 11.31 12.03
N ARG C 142 -36.13 12.43 11.32
CA ARG C 142 -35.34 12.47 10.09
C ARG C 142 -33.84 12.56 10.33
N ARG C 143 -33.41 12.80 11.57
CA ARG C 143 -31.98 12.81 11.89
C ARG C 143 -31.52 11.43 12.37
N GLN C 144 -31.80 10.41 11.56
CA GLN C 144 -31.42 9.03 11.85
C GLN C 144 -30.32 8.59 10.88
N VAL C 145 -29.43 7.74 11.38
CA VAL C 145 -28.26 7.33 10.62
C VAL C 145 -28.24 5.82 10.48
N ALA C 146 -27.60 5.35 9.42
CA ALA C 146 -27.37 3.94 9.16
C ALA C 146 -25.89 3.68 9.01
N VAL C 147 -25.42 2.61 9.64
CA VAL C 147 -24.01 2.21 9.61
C VAL C 147 -23.92 0.96 8.73
N LEU C 148 -23.21 1.06 7.62
CA LEU C 148 -23.06 -0.03 6.67
C LEU C 148 -21.61 -0.48 6.64
N ASN C 149 -21.40 -1.77 6.90
CA ASN C 149 -20.10 -2.41 6.70
C ASN C 149 -20.08 -2.99 5.29
N LEU C 150 -19.18 -2.50 4.46
CA LEU C 150 -19.25 -2.89 3.06
C LEU C 150 -18.43 -4.15 2.80
N PRO C 151 -18.81 -4.93 1.79
CA PRO C 151 -18.03 -6.13 1.46
C PRO C 151 -16.66 -5.81 0.89
N ARG C 152 -15.89 -6.85 0.56
CA ARG C 152 -14.52 -6.64 0.12
C ARG C 152 -14.45 -6.01 -1.27
N SER C 153 -15.28 -6.47 -2.19
CA SER C 153 -15.21 -6.05 -3.59
C SER C 153 -16.48 -5.30 -4.00
N PHE C 154 -16.95 -4.39 -3.16
CA PHE C 154 -18.15 -3.62 -3.42
C PHE C 154 -17.79 -2.31 -4.10
N ASP C 155 -18.63 -1.90 -5.06
CA ASP C 155 -18.32 -0.74 -5.88
C ASP C 155 -18.74 0.57 -5.23
N TRP C 156 -19.67 0.50 -4.27
CA TRP C 156 -20.07 1.58 -3.38
C TRP C 156 -20.84 2.69 -4.09
N VAL C 157 -20.90 2.64 -5.43
CA VAL C 157 -21.72 3.61 -6.17
C VAL C 157 -23.12 3.11 -6.43
N SER C 158 -23.37 1.81 -6.28
CA SER C 158 -24.71 1.27 -6.43
C SER C 158 -25.64 1.70 -5.31
N LEU C 159 -25.10 2.26 -4.22
CA LEU C 159 -25.92 2.79 -3.14
C LEU C 159 -26.61 4.09 -3.55
N LEU C 160 -26.11 4.76 -4.58
CA LEU C 160 -26.63 6.07 -4.96
C LEU C 160 -27.92 5.95 -5.75
N VAL C 161 -28.69 7.03 -5.74
CA VAL C 161 -29.95 7.08 -6.50
C VAL C 161 -29.64 6.97 -7.99
N PRO C 162 -30.54 6.40 -8.80
CA PRO C 162 -30.22 6.20 -10.22
C PRO C 162 -29.88 7.48 -10.97
N GLU C 163 -30.52 8.61 -10.64
CA GLU C 163 -30.22 9.84 -11.33
C GLU C 163 -28.79 10.30 -11.07
N SER C 164 -28.29 10.12 -9.83
CA SER C 164 -26.90 10.41 -9.54
C SER C 164 -25.96 9.33 -10.04
N GLN C 165 -26.46 8.11 -10.24
CA GLN C 165 -25.64 7.04 -10.78
C GLN C 165 -25.43 7.17 -12.29
N GLU C 166 -26.38 7.81 -12.98
CA GLU C 166 -26.28 7.91 -14.43
C GLU C 166 -25.08 8.75 -14.86
N VAL C 167 -24.84 9.88 -14.18
CA VAL C 167 -23.70 10.72 -14.56
C VAL C 167 -22.39 10.03 -14.25
N ILE C 168 -22.32 9.30 -13.12
CA ILE C 168 -21.12 8.54 -12.79
C ILE C 168 -20.86 7.48 -13.84
N GLU C 169 -21.91 6.76 -14.25
CA GLU C 169 -21.74 5.73 -15.27
C GLU C 169 -21.34 6.33 -16.61
N GLU C 170 -21.87 7.51 -16.94
CA GLU C 170 -21.49 8.18 -18.18
C GLU C 170 -20.03 8.59 -18.16
N PHE C 171 -19.55 9.12 -17.03
CA PHE C 171 -18.14 9.48 -16.91
C PHE C 171 -17.26 8.24 -17.01
N ARG C 172 -17.67 7.15 -16.34
CA ARG C 172 -16.91 5.91 -16.40
C ARG C 172 -16.86 5.35 -17.81
N ALA C 173 -17.97 5.42 -18.55
CA ALA C 173 -17.99 4.94 -19.92
C ALA C 173 -17.17 5.83 -20.84
N GLY C 174 -17.16 7.14 -20.59
CA GLY C 174 -16.29 8.02 -21.35
C GLY C 174 -14.82 7.67 -21.18
N LEU C 175 -14.42 7.36 -19.94
CA LEU C 175 -13.05 6.89 -19.73
C LEU C 175 -12.82 5.52 -20.37
N ARG C 176 -13.83 4.64 -20.30
CA ARG C 176 -13.69 3.29 -20.83
C ARG C 176 -13.49 3.31 -22.34
N LYS C 177 -14.18 4.21 -23.04
CA LYS C 177 -14.04 4.31 -24.48
C LYS C 177 -12.62 4.66 -24.91
N ASP C 178 -11.86 5.34 -24.05
CA ASP C 178 -10.46 5.64 -24.31
C ASP C 178 -9.52 4.51 -23.89
N GLY C 179 -10.06 3.41 -23.39
CA GLY C 179 -9.26 2.31 -22.89
C GLY C 179 -8.78 2.47 -21.46
N LEU C 180 -9.25 3.48 -20.76
CA LEU C 180 -8.80 3.79 -19.40
C LEU C 180 -9.79 3.24 -18.39
N GLY C 181 -9.49 3.44 -17.11
CA GLY C 181 -10.36 2.97 -16.04
C GLY C 181 -10.16 3.78 -14.79
N LEU C 182 -11.02 3.53 -13.81
CA LEU C 182 -11.00 4.23 -12.52
C LEU C 182 -11.15 3.22 -11.39
N PRO C 183 -10.13 2.40 -11.16
CA PRO C 183 -10.21 1.39 -10.09
C PRO C 183 -9.89 1.97 -8.73
N THR C 184 -10.45 1.34 -7.69
CA THR C 184 -10.18 1.72 -6.32
C THR C 184 -10.56 0.57 -5.41
N SER C 185 -10.07 0.64 -4.18
CA SER C 185 -10.43 -0.34 -3.16
C SER C 185 -11.64 0.13 -2.38
N THR C 186 -12.46 -0.83 -1.95
CA THR C 186 -13.68 -0.51 -1.23
C THR C 186 -13.36 0.06 0.14
N PRO C 187 -13.93 1.20 0.51
CA PRO C 187 -13.79 1.67 1.89
C PRO C 187 -14.48 0.72 2.86
N ASP C 188 -13.98 0.71 4.10
CA ASP C 188 -14.44 -0.26 5.08
C ASP C 188 -15.87 0.01 5.53
N LEU C 189 -16.14 1.18 6.11
CA LEU C 189 -17.43 1.46 6.72
C LEU C 189 -17.97 2.79 6.22
N ALA C 190 -19.29 2.85 6.04
CA ALA C 190 -19.97 4.07 5.61
C ALA C 190 -21.12 4.39 6.54
N VAL C 191 -21.15 5.60 7.08
CA VAL C 191 -22.25 6.09 7.89
C VAL C 191 -23.03 7.09 7.04
N VAL C 192 -24.30 6.79 6.80
CA VAL C 192 -25.13 7.60 5.91
C VAL C 192 -26.42 7.98 6.65
N VAL C 193 -27.20 8.85 6.02
CA VAL C 193 -28.49 9.26 6.55
C VAL C 193 -29.55 8.24 6.15
N LEU C 194 -30.39 7.85 7.10
CA LEU C 194 -31.40 6.83 6.85
C LEU C 194 -32.39 7.34 5.79
N PRO C 195 -32.74 6.52 4.81
CA PRO C 195 -33.70 6.96 3.78
C PRO C 195 -35.09 7.15 4.35
N GLU C 196 -35.92 7.87 3.57
CA GLU C 196 -37.25 8.27 4.04
C GLU C 196 -38.16 7.07 4.28
N GLU C 197 -38.13 6.08 3.38
CA GLU C 197 -39.04 4.95 3.51
C GLU C 197 -38.66 4.00 4.64
N PHE C 198 -37.46 4.14 5.20
CA PHE C 198 -37.02 3.31 6.32
C PHE C 198 -37.09 4.02 7.65
N GLN C 199 -37.69 5.22 7.70
CA GLN C 199 -37.71 6.06 8.89
C GLN C 199 -38.54 5.48 10.02
N ASN C 200 -39.33 4.44 9.77
CA ASN C 200 -40.19 3.84 10.80
C ASN C 200 -39.89 2.39 11.10
N ASP C 201 -39.11 1.71 10.27
CA ASP C 201 -38.78 0.32 10.54
C ASP C 201 -37.97 0.22 11.84
N GLU C 202 -38.26 -0.83 12.61
CA GLU C 202 -37.74 -0.96 13.96
C GLU C 202 -36.43 -1.72 14.05
N MET C 203 -35.93 -2.26 12.93
CA MET C 203 -34.67 -3.00 12.99
C MET C 203 -33.46 -2.08 12.99
N TRP C 204 -33.64 -0.78 12.73
CA TRP C 204 -32.59 0.20 12.89
C TRP C 204 -32.59 0.85 14.27
N ARG C 205 -33.39 0.32 15.20
CA ARG C 205 -33.50 0.91 16.53
C ARG C 205 -33.17 -0.07 17.66
N GLU C 206 -32.89 -1.33 17.35
CA GLU C 206 -32.69 -2.37 18.35
C GLU C 206 -31.24 -2.81 18.35
N GLU C 207 -30.67 -2.94 19.54
CA GLU C 207 -29.27 -3.33 19.68
C GLU C 207 -29.13 -4.85 19.67
N ILE C 208 -27.95 -5.31 19.28
CA ILE C 208 -27.64 -6.73 19.22
C ILE C 208 -26.90 -7.12 20.49
N ALA C 209 -27.20 -8.32 21.00
CA ALA C 209 -26.60 -8.79 22.23
C ALA C 209 -25.16 -9.28 22.02
N GLY C 210 -24.86 -9.83 20.85
CA GLY C 210 -23.53 -10.34 20.60
C GLY C 210 -23.32 -10.56 19.11
N LEU C 211 -22.11 -11.02 18.78
CA LEU C 211 -21.74 -11.25 17.39
C LEU C 211 -21.95 -12.73 17.03
N THR C 212 -23.21 -13.14 17.11
CA THR C 212 -23.60 -14.45 16.64
C THR C 212 -23.65 -14.47 15.12
N ARG C 213 -23.62 -15.67 14.55
CA ARG C 213 -23.71 -15.79 13.09
C ARG C 213 -24.95 -15.13 12.51
N PRO C 214 -26.16 -15.28 13.08
CA PRO C 214 -27.29 -14.48 12.57
C PRO C 214 -27.03 -12.98 12.64
N ASN C 215 -26.44 -12.50 13.72
CA ASN C 215 -26.13 -11.07 13.82
C ASN C 215 -25.01 -10.68 12.86
N GLN C 216 -24.06 -11.59 12.63
CA GLN C 216 -23.02 -11.33 11.64
C GLN C 216 -23.62 -11.15 10.26
N ILE C 217 -24.57 -12.02 9.89
CA ILE C 217 -25.24 -11.90 8.60
C ILE C 217 -26.07 -10.63 8.55
N LEU C 218 -26.75 -10.29 9.65
CA LEU C 218 -27.56 -9.09 9.68
C LEU C 218 -26.73 -7.83 9.47
N LEU C 219 -25.56 -7.76 10.12
CA LEU C 219 -24.70 -6.59 9.98
C LEU C 219 -23.89 -6.61 8.68
N SER C 220 -23.75 -7.77 8.04
CA SER C 220 -23.03 -7.85 6.77
C SER C 220 -23.93 -7.66 5.56
N GLY C 221 -25.24 -7.71 5.73
CA GLY C 221 -26.15 -7.57 4.62
C GLY C 221 -26.96 -6.28 4.67
N ALA C 222 -26.64 -5.41 5.63
CA ALA C 222 -27.39 -4.16 5.78
C ALA C 222 -27.18 -3.21 4.60
N TYR C 223 -26.11 -3.41 3.82
CA TYR C 223 -25.87 -2.53 2.68
C TYR C 223 -26.84 -2.78 1.53
N GLN C 224 -27.30 -4.02 1.38
CA GLN C 224 -28.24 -4.33 0.30
C GLN C 224 -29.58 -3.64 0.48
N ARG C 225 -29.96 -3.37 1.73
CA ARG C 225 -31.26 -2.75 1.99
C ARG C 225 -31.28 -1.30 1.53
N LEU C 226 -30.15 -0.60 1.64
CA LEU C 226 -30.05 0.80 1.26
C LEU C 226 -29.46 0.98 -0.15
N GLN C 227 -29.39 -0.09 -0.93
CA GLN C 227 -28.79 -0.01 -2.26
C GLN C 227 -29.73 0.74 -3.21
N GLY C 228 -29.19 1.74 -3.90
CA GLY C 228 -29.97 2.54 -4.81
C GLY C 228 -30.95 3.48 -4.14
N ARG C 229 -30.69 3.90 -2.90
CA ARG C 229 -31.66 4.68 -2.15
C ARG C 229 -31.01 5.85 -1.41
N VAL C 230 -29.74 6.14 -1.63
CA VAL C 230 -29.00 7.14 -0.86
C VAL C 230 -28.66 8.32 -1.77
N GLN C 231 -28.97 9.53 -1.31
CA GLN C 231 -28.58 10.74 -2.02
C GLN C 231 -27.07 10.96 -1.89
N PRO C 232 -26.45 11.58 -2.90
CA PRO C 232 -25.00 11.85 -2.81
C PRO C 232 -24.62 12.70 -1.60
N GLY C 233 -25.47 13.64 -1.20
CA GLY C 233 -25.18 14.50 -0.07
C GLY C 233 -25.53 13.93 1.29
N GLU C 234 -26.02 12.70 1.35
CA GLU C 234 -26.41 12.08 2.61
C GLU C 234 -25.35 11.10 3.13
N ILE C 235 -24.18 11.05 2.50
CA ILE C 235 -23.08 10.23 2.98
C ILE C 235 -22.32 11.07 4.01
N SER C 236 -22.46 10.70 5.28
CA SER C 236 -21.95 11.54 6.38
C SER C 236 -20.55 11.18 6.82
N LEU C 237 -20.16 9.90 6.77
CA LEU C 237 -18.85 9.51 7.24
C LEU C 237 -18.35 8.29 6.48
N ALA C 238 -17.04 8.26 6.22
CA ALA C 238 -16.37 7.08 5.68
C ALA C 238 -15.21 6.76 6.60
N VAL C 239 -15.09 5.49 6.98
CA VAL C 239 -14.07 5.07 7.94
C VAL C 239 -13.30 3.90 7.36
N ALA C 240 -11.97 3.99 7.39
CA ALA C 240 -11.08 2.90 7.03
C ALA C 240 -10.33 2.43 8.27
N PHE C 241 -10.29 1.12 8.48
CA PHE C 241 -9.68 0.53 9.66
C PHE C 241 -8.36 -0.14 9.28
N LYS C 242 -7.31 0.12 10.08
CA LYS C 242 -6.02 -0.54 9.91
C LYS C 242 -5.45 -0.80 11.30
N ARG C 243 -5.30 -2.08 11.66
CA ARG C 243 -4.86 -2.41 13.01
C ARG C 243 -3.49 -1.82 13.32
N SER C 244 -2.61 -1.76 12.34
CA SER C 244 -1.30 -1.14 12.49
C SER C 244 -0.99 -0.35 11.23
N LEU C 245 -0.07 0.61 11.37
CA LEU C 245 0.32 1.47 10.27
C LEU C 245 1.78 1.23 9.89
N ARG C 246 2.06 1.40 8.60
CA ARG C 246 3.41 1.39 8.09
C ARG C 246 3.57 2.56 7.13
N SER C 247 4.83 2.96 6.90
CA SER C 247 5.09 4.13 6.07
C SER C 247 4.68 3.93 4.61
N ASP C 248 4.55 2.69 4.15
CA ASP C 248 4.12 2.41 2.79
C ASP C 248 2.65 2.06 2.69
N ARG C 249 2.09 1.41 3.72
CA ARG C 249 0.71 0.97 3.65
C ARG C 249 -0.27 2.12 3.81
N LEU C 250 0.12 3.17 4.55
CA LEU C 250 -0.80 4.27 4.83
C LEU C 250 -1.23 5.02 3.57
N TYR C 251 -0.53 4.83 2.46
CA TYR C 251 -0.94 5.47 1.21
C TYR C 251 -2.14 4.80 0.57
N GLN C 252 -2.49 3.57 0.97
CA GLN C 252 -3.65 2.92 0.38
C GLN C 252 -4.95 3.65 0.67
N PRO C 253 -5.27 4.01 1.92
CA PRO C 253 -6.50 4.79 2.14
C PRO C 253 -6.50 6.14 1.45
N LEU C 254 -5.35 6.81 1.37
CA LEU C 254 -5.29 8.13 0.75
C LEU C 254 -5.84 8.10 -0.67
N TYR C 255 -5.33 7.18 -1.49
CA TYR C 255 -5.85 7.00 -2.84
C TYR C 255 -7.37 6.83 -2.80
N GLU C 256 -7.85 5.95 -1.92
CA GLU C 256 -9.28 5.79 -1.70
C GLU C 256 -9.93 7.14 -1.45
N ALA C 257 -9.46 7.85 -0.43
CA ALA C 257 -10.06 9.13 -0.06
C ALA C 257 -9.97 10.13 -1.19
N ASN C 258 -9.04 9.94 -2.12
CA ASN C 258 -9.00 10.77 -3.32
C ASN C 258 -10.14 10.40 -4.25
N VAL C 259 -10.20 9.13 -4.67
CA VAL C 259 -11.11 8.74 -5.74
C VAL C 259 -12.55 9.01 -5.33
N MET C 260 -12.92 8.66 -4.11
CA MET C 260 -14.25 8.95 -3.60
C MET C 260 -14.59 10.43 -3.77
N GLN C 261 -13.69 11.30 -3.33
CA GLN C 261 -13.93 12.73 -3.47
C GLN C 261 -14.07 13.11 -4.93
N LEU C 262 -13.24 12.51 -5.79
CA LEU C 262 -13.30 12.79 -7.22
C LEU C 262 -14.69 12.54 -7.77
N LEU C 263 -15.40 11.56 -7.20
CA LEU C 263 -16.72 11.23 -7.70
C LEU C 263 -17.85 11.92 -6.95
N LEU C 264 -17.55 12.64 -5.86
CA LEU C 264 -18.59 13.26 -5.06
C LEU C 264 -18.54 14.79 -5.10
N GLU C 265 -17.37 15.38 -4.89
CA GLU C 265 -17.26 16.84 -4.98
C GLU C 265 -17.10 17.32 -6.42
N GLY C 266 -16.78 16.44 -7.34
CA GLY C 266 -16.55 16.83 -8.72
C GLY C 266 -17.73 16.62 -9.65
N LYS C 267 -18.33 15.43 -9.60
CA LYS C 267 -19.39 15.06 -10.54
C LYS C 267 -20.78 15.11 -9.94
N LEU C 268 -20.90 15.45 -8.65
CA LEU C 268 -22.20 15.52 -8.00
C LEU C 268 -22.42 16.77 -7.17
N GLY C 269 -21.39 17.60 -6.96
CA GLY C 269 -21.56 18.83 -6.23
C GLY C 269 -21.78 18.68 -4.74
N ALA C 270 -21.32 17.59 -4.15
CA ALA C 270 -21.46 17.41 -2.71
C ALA C 270 -20.61 18.44 -1.96
N PRO C 271 -21.02 18.82 -0.75
CA PRO C 271 -20.27 19.85 0.00
C PRO C 271 -18.83 19.45 0.26
N LYS C 272 -18.62 18.33 0.95
CA LYS C 272 -17.29 17.80 1.22
C LYS C 272 -17.43 16.41 1.80
N VAL C 273 -16.51 15.53 1.45
CA VAL C 273 -16.54 14.14 1.87
C VAL C 273 -15.74 13.99 3.16
N GLU C 274 -16.33 13.29 4.13
CA GLU C 274 -15.65 12.99 5.38
C GLU C 274 -15.06 11.58 5.30
N PHE C 275 -13.79 11.46 5.67
CA PHE C 275 -13.07 10.20 5.48
C PHE C 275 -11.95 10.16 6.53
N GLU C 276 -12.02 9.20 7.43
CA GLU C 276 -11.05 9.08 8.51
C GLU C 276 -10.53 7.65 8.59
N VAL C 277 -9.39 7.52 9.27
CA VAL C 277 -8.68 6.26 9.43
C VAL C 277 -8.55 5.96 10.92
N HIS C 278 -8.91 4.75 11.31
CA HIS C 278 -8.76 4.28 12.69
C HIS C 278 -7.62 3.28 12.75
N THR C 279 -6.80 3.39 13.80
CA THR C 279 -5.64 2.52 13.97
C THR C 279 -5.40 2.30 15.45
N LEU C 280 -4.69 1.22 15.76
CA LEU C 280 -4.32 0.90 17.14
C LEU C 280 -2.84 1.10 17.43
N ALA C 281 -1.99 1.14 16.41
CA ALA C 281 -0.55 1.29 16.59
C ALA C 281 0.03 2.11 15.45
N PRO C 282 0.17 3.42 15.64
CA PRO C 282 0.82 4.26 14.63
C PRO C 282 2.32 4.47 14.84
N GLU C 283 2.92 3.80 15.81
CA GLU C 283 4.33 4.00 16.12
C GLU C 283 5.21 3.49 14.98
N GLY C 284 6.40 4.08 14.88
CA GLY C 284 7.34 3.76 13.83
C GLY C 284 7.13 4.51 12.54
N THR C 285 6.08 5.33 12.44
CA THR C 285 5.79 6.13 11.26
C THR C 285 5.64 7.60 11.67
N ASN C 286 5.26 8.42 10.70
CA ASN C 286 4.96 9.83 10.89
C ASN C 286 3.61 10.16 10.26
N ALA C 287 2.61 9.31 10.52
CA ALA C 287 1.32 9.42 9.85
C ALA C 287 0.52 10.63 10.31
N PHE C 288 0.75 11.14 11.52
CA PHE C 288 0.05 12.33 11.97
C PHE C 288 0.40 13.55 11.14
N VAL C 289 1.56 13.55 10.49
CA VAL C 289 1.93 14.62 9.57
C VAL C 289 1.58 14.27 8.14
N THR C 290 1.76 13.00 7.76
CA THR C 290 1.48 12.58 6.39
C THR C 290 0.01 12.71 6.04
N TYR C 291 -0.88 12.58 7.02
CA TYR C 291 -2.31 12.75 6.79
C TYR C 291 -2.74 14.22 6.76
N GLU C 292 -1.82 15.12 7.07
CA GLU C 292 -2.13 16.54 6.96
C GLU C 292 -1.75 16.86 5.52
N ALA C 293 -2.42 16.18 4.59
CA ALA C 293 -2.13 16.36 3.17
C ALA C 293 -3.38 16.70 2.35
N ALA C 294 -3.23 17.68 1.47
CA ALA C 294 -4.32 18.12 0.62
C ALA C 294 -4.76 17.09 -0.42
N SER C 295 -6.07 17.04 -0.64
CA SER C 295 -6.71 16.17 -1.61
C SER C 295 -6.26 16.47 -3.02
N LEU C 296 -5.98 15.43 -3.78
CA LEU C 296 -5.53 15.59 -5.16
C LEU C 296 -6.72 15.77 -6.08
N TYR C 297 -7.31 16.96 -6.02
CA TYR C 297 -8.48 17.28 -6.78
C TYR C 297 -8.68 18.76 -6.89
N GLY C 298 -8.56 19.28 -8.11
CA GLY C 298 -8.72 20.70 -8.36
C GLY C 298 -7.42 21.48 -8.24
N LEU C 299 -6.36 20.81 -7.77
CA LEU C 299 -5.07 21.47 -7.57
C LEU C 299 -4.43 21.97 -8.85
N ALA C 300 -4.72 21.30 -9.96
CA ALA C 300 -4.19 21.69 -11.26
C ALA C 300 -4.98 22.83 -11.89
N GLU C 301 -6.16 23.16 -11.33
CA GLU C 301 -7.00 24.21 -11.88
C GLU C 301 -7.02 25.46 -11.01
N GLY C 302 -7.18 25.27 -9.70
CA GLY C 302 -7.26 26.39 -8.77
C GLY C 302 -8.65 27.02 -8.77
N ARG C 303 -9.65 26.23 -9.15
CA ARG C 303 -11.03 26.69 -9.26
C ARG C 303 -11.86 26.51 -7.99
N SER C 304 -11.26 26.00 -6.93
CA SER C 304 -11.99 25.79 -5.69
C SER C 304 -11.07 25.79 -4.49
N ALA C 305 -11.67 25.74 -3.31
CA ALA C 305 -10.91 25.75 -2.06
C ALA C 305 -10.18 24.43 -1.88
N VAL C 306 -9.01 24.51 -1.28
CA VAL C 306 -8.17 23.35 -1.03
C VAL C 306 -8.37 22.84 0.38
N HIS C 307 -8.55 21.52 0.49
CA HIS C 307 -8.75 20.88 1.78
C HIS C 307 -8.06 19.53 1.78
N ARG C 308 -8.04 18.88 2.94
CA ARG C 308 -7.41 17.59 3.11
C ARG C 308 -8.23 16.38 2.65
N ALA C 309 -7.54 15.38 2.14
CA ALA C 309 -8.16 14.13 1.71
C ALA C 309 -8.76 13.34 2.87
N ILE C 310 -8.04 13.33 4.00
CA ILE C 310 -8.47 12.60 5.20
C ILE C 310 -8.80 13.51 6.38
N ARG C 311 -9.96 13.28 6.98
CA ARG C 311 -10.43 14.06 8.11
C ARG C 311 -9.61 14.01 9.42
N GLU C 312 -9.12 12.83 9.80
CA GLU C 312 -8.36 12.73 11.04
C GLU C 312 -7.87 11.30 11.17
N LEU C 313 -6.82 11.12 11.97
CA LEU C 313 -6.33 9.81 12.37
C LEU C 313 -6.62 9.63 13.86
N TYR C 314 -7.36 8.57 14.19
CA TYR C 314 -7.85 8.35 15.54
C TYR C 314 -7.34 7.02 16.07
N VAL C 315 -6.86 7.02 17.31
CA VAL C 315 -6.37 5.83 17.99
C VAL C 315 -7.24 5.61 19.23
N PRO C 316 -8.22 4.72 19.17
CA PRO C 316 -9.11 4.51 20.32
C PRO C 316 -8.41 3.70 21.41
N PRO C 317 -8.28 4.27 22.61
CA PRO C 317 -7.70 3.48 23.71
C PRO C 317 -8.66 2.41 24.24
N THR C 318 -9.96 2.68 24.24
CA THR C 318 -10.97 1.72 24.66
C THR C 318 -12.13 1.77 23.68
N ALA C 319 -13.08 0.84 23.84
CA ALA C 319 -14.27 0.86 23.01
C ALA C 319 -15.27 1.91 23.48
N ALA C 320 -15.28 2.22 24.78
CA ALA C 320 -16.13 3.28 25.29
C ALA C 320 -15.74 4.63 24.69
N ASP C 321 -14.43 4.86 24.52
CA ASP C 321 -13.99 6.09 23.88
C ASP C 321 -14.45 6.17 22.43
N LEU C 322 -14.42 5.05 21.71
CA LEU C 322 -14.94 5.03 20.35
C LEU C 322 -16.42 5.34 20.32
N ALA C 323 -17.18 4.76 21.26
CA ALA C 323 -18.61 5.05 21.35
C ALA C 323 -18.85 6.53 21.61
N ARG C 324 -18.11 7.11 22.55
CA ARG C 324 -18.26 8.52 22.87
C ARG C 324 -17.92 9.41 21.67
N ARG C 325 -16.85 9.06 20.95
CA ARG C 325 -16.46 9.83 19.78
C ARG C 325 -17.55 9.78 18.71
N PHE C 326 -18.11 8.58 18.46
CA PHE C 326 -19.17 8.47 17.46
C PHE C 326 -20.41 9.25 17.89
N PHE C 327 -20.75 9.21 19.18
CA PHE C 327 -21.90 9.97 19.68
C PHE C 327 -21.68 11.47 19.50
N ALA C 328 -20.48 11.95 19.83
CA ALA C 328 -20.19 13.37 19.67
C ALA C 328 -20.23 13.78 18.20
N PHE C 329 -19.68 12.94 17.31
CA PHE C 329 -19.72 13.24 15.89
C PHE C 329 -21.14 13.32 15.38
N LEU C 330 -22.00 12.37 15.78
CA LEU C 330 -23.39 12.41 15.37
C LEU C 330 -24.08 13.65 15.90
N ASN C 331 -23.84 14.00 17.16
CA ASN C 331 -24.45 15.19 17.74
C ASN C 331 -24.04 16.45 17.00
N GLU C 332 -22.77 16.55 16.63
CA GLU C 332 -22.27 17.74 15.95
C GLU C 332 -22.68 17.82 14.49
N ARG C 333 -22.87 16.67 13.82
CA ARG C 333 -23.14 16.71 12.38
C ARG C 333 -24.62 16.65 12.03
N MET C 334 -25.45 15.96 12.81
CA MET C 334 -26.86 15.84 12.45
C MET C 334 -27.62 17.15 12.58
N GLU C 335 -27.01 18.18 13.17
CA GLU C 335 -27.67 19.48 13.24
C GLU C 335 -27.91 20.05 11.85
N LEU C 336 -27.01 19.78 10.91
CA LEU C 336 -27.13 20.30 9.55
C LEU C 336 -28.30 19.70 8.79
N VAL C 337 -28.91 18.63 9.29
CA VAL C 337 -30.08 18.03 8.65
C VAL C 337 -31.32 18.77 9.14
N ASN C 338 -32.14 19.24 8.19
CA ASN C 338 -33.33 20.01 8.51
C ASN C 338 -34.46 19.05 8.88
N GLY C 339 -34.88 19.08 10.13
CA GLY C 339 -35.96 18.21 10.60
C GLY C 339 -37.33 18.66 10.15
CA CA E . 10.90 -1.08 -4.59
CA CA F . 13.44 1.89 -2.95
CA CA G . 16.10 3.35 -4.82
CA CA H . -9.39 -2.52 6.82
CA CA I . -12.42 -4.35 4.46
CA CA J . -15.88 -3.87 5.15
#